data_7P8M
#
_entry.id   7P8M
#
_cell.length_a   76.490
_cell.length_b   76.490
_cell.length_c   280.990
_cell.angle_alpha   90.000
_cell.angle_beta   90.000
_cell.angle_gamma   120.000
#
_symmetry.space_group_name_H-M   'P 32 2 1'
#
loop_
_entity.id
_entity.type
_entity.pdbx_description
1 polymer 'S-adenosylmethionine synthase'
2 non-polymer TRIPHOSPHATE
3 non-polymer 'MAGNESIUM ION'
4 non-polymer '4,5-dimethoxy-2-nitro benzyme S-adenosyl-methionine'
5 water water
#
_entity_poly.entity_id   1
_entity_poly.type   'polypeptide(L)'
_entity_poly.pdbx_seq_one_letter_code
;MGSSHHHHHHSSGLVPRGSHMRNIIVKKLDVEPIEERPTEIVERKGLGHPDSICDGIAESVSRALCKMYMEKFGTILHHN
TDQVELVGGHAYPKFGGGVMVSPIYILLSGRATMEILDKEKNEVIKLPVGTTAVKAAKEYLKKVLRNVDVDKDVIIDCRI
GQGSMDAVDVFERQKNEVPLANDTSFGVGYAPLSTTERLVLETERFLNSDELKNEIPAVGEDIKVMGLREGKKITLTIAM
AVVDRYVKNIEEYKEVIEKVRKKVEDLAKKIADGYEVEIHINTADDYERESVYLTVTGTSAEMGDDGSVGRGNRVNGLIT
PFRPMSMEAASGKNPVNHVGKIYNILANLIANDIAKLEGVKECYVRILSQAGKPINEPKALDIEIITEDSYDIKDIEPKA
KEIANKWLDNIMEVQKMIVEGKVTTF
;
_entity_poly.pdbx_strand_id   A,C
#
# COMPACT_ATOMS: atom_id res chain seq x y z
N ARG A 22 -16.36 -7.59 25.68
CA ARG A 22 -15.53 -7.36 24.51
C ARG A 22 -16.06 -8.10 23.28
N ASN A 23 -15.86 -7.50 22.11
CA ASN A 23 -16.40 -8.01 20.86
C ASN A 23 -15.48 -9.01 20.16
N ILE A 24 -15.27 -10.17 20.78
CA ILE A 24 -14.41 -11.20 20.23
C ILE A 24 -15.25 -12.28 19.56
N ILE A 25 -14.90 -12.57 18.31
CA ILE A 25 -15.65 -13.47 17.44
C ILE A 25 -14.73 -14.59 16.98
N VAL A 26 -15.15 -15.84 17.15
CA VAL A 26 -14.34 -16.98 16.73
C VAL A 26 -15.13 -17.82 15.74
N LYS A 27 -14.52 -18.13 14.61
CA LYS A 27 -15.16 -18.92 13.57
C LYS A 27 -14.25 -20.01 13.07
N LYS A 28 -14.85 -21.15 12.71
CA LYS A 28 -14.17 -22.17 11.97
C LYS A 28 -14.09 -21.69 10.52
N LEU A 29 -12.96 -21.93 9.88
CA LEU A 29 -12.79 -21.61 8.46
C LEU A 29 -12.50 -22.89 7.72
N ASP A 30 -13.34 -23.21 6.74
CA ASP A 30 -13.23 -24.46 6.01
C ASP A 30 -12.83 -24.21 4.56
N VAL A 31 -11.54 -23.93 4.38
CA VAL A 31 -10.96 -23.72 3.06
C VAL A 31 -9.66 -24.51 3.00
N GLU A 32 -9.07 -24.58 1.82
CA GLU A 32 -7.82 -25.32 1.67
C GLU A 32 -6.67 -24.57 2.37
N PRO A 33 -5.93 -25.26 3.25
CA PRO A 33 -4.77 -24.61 3.88
C PRO A 33 -3.76 -24.15 2.85
N ILE A 34 -3.06 -23.05 3.12
CA ILE A 34 -2.19 -22.43 2.13
C ILE A 34 -1.08 -23.37 1.66
N GLU A 35 -0.54 -24.19 2.55
CA GLU A 35 0.52 -25.15 2.19
C GLU A 35 0.05 -26.17 1.18
N GLU A 36 -1.24 -26.48 1.19
CA GLU A 36 -1.78 -27.55 0.37
C GLU A 36 -2.33 -27.01 -0.95
N ARG A 37 -2.45 -25.69 -1.06
CA ARG A 37 -2.86 -25.09 -2.31
C ARG A 37 -1.76 -25.30 -3.35
N PRO A 38 -2.12 -25.28 -4.64
CA PRO A 38 -1.09 -25.54 -5.65
C PRO A 38 -0.06 -24.42 -5.83
N THR A 39 -0.46 -23.18 -5.58
CA THR A 39 0.40 -22.04 -5.91
C THR A 39 0.48 -21.05 -4.76
N GLU A 40 1.68 -20.52 -4.55
CA GLU A 40 1.95 -19.53 -3.53
C GLU A 40 2.96 -18.53 -4.08
N ILE A 41 2.71 -17.24 -3.89
CA ILE A 41 3.71 -16.23 -4.24
C ILE A 41 3.86 -15.29 -3.06
N VAL A 42 5.13 -15.03 -2.72
CA VAL A 42 5.50 -14.27 -1.53
C VAL A 42 6.71 -13.41 -1.88
N GLU A 43 6.75 -12.20 -1.35
CA GLU A 43 7.85 -11.29 -1.64
C GLU A 43 8.32 -10.59 -0.38
N ARG A 44 9.61 -10.31 -0.30
CA ARG A 44 10.15 -9.44 0.74
C ARG A 44 11.11 -8.42 0.16
N LYS A 45 10.84 -7.15 0.46
CA LYS A 45 11.72 -6.04 0.11
C LYS A 45 12.70 -5.84 1.25
N GLY A 46 13.97 -6.15 1.00
CA GLY A 46 14.96 -6.16 2.05
C GLY A 46 15.37 -4.76 2.48
N LEU A 47 16.28 -4.69 3.44
CA LEU A 47 16.55 -3.46 4.18
C LEU A 47 16.98 -2.26 3.33
N GLY A 48 17.74 -2.52 2.27
CA GLY A 48 18.25 -1.44 1.44
C GLY A 48 17.41 -1.15 0.21
N HIS A 49 16.28 -1.84 0.06
CA HIS A 49 15.33 -1.52 -0.99
C HIS A 49 14.71 -0.15 -0.70
N PRO A 50 14.49 0.67 -1.75
CA PRO A 50 14.06 2.06 -1.47
C PRO A 50 12.77 2.18 -0.63
N ASP A 51 11.81 1.28 -0.83
CA ASP A 51 10.58 1.34 -0.06
C ASP A 51 10.84 1.01 1.41
N SER A 52 11.69 0.02 1.65
CA SER A 52 12.05 -0.37 3.01
C SER A 52 12.94 0.68 3.71
N ILE A 53 13.77 1.37 2.93
CA ILE A 53 14.53 2.49 3.45
C ILE A 53 13.56 3.53 4.01
N CYS A 54 12.50 3.81 3.25
CA CYS A 54 11.48 4.77 3.70
C CYS A 54 10.74 4.30 4.95
N ASP A 55 10.30 3.04 4.98
CA ASP A 55 9.66 2.51 6.19
C ASP A 55 10.55 2.63 7.42
N GLY A 56 11.81 2.22 7.28
CA GLY A 56 12.74 2.23 8.39
C GLY A 56 13.11 3.63 8.84
N ILE A 57 13.21 4.56 7.90
CA ILE A 57 13.47 5.96 8.25
C ILE A 57 12.28 6.50 9.02
N ALA A 58 11.07 6.24 8.51
CA ALA A 58 9.84 6.71 9.15
C ALA A 58 9.77 6.25 10.60
N GLU A 59 10.03 4.96 10.83
CA GLU A 59 9.99 4.43 12.19
C GLU A 59 11.12 5.00 13.06
N SER A 60 12.31 5.17 12.48
CA SER A 60 13.42 5.81 13.18
C SER A 60 13.08 7.22 13.66
N VAL A 61 12.39 7.97 12.83
CA VAL A 61 11.99 9.33 13.18
C VAL A 61 11.00 9.28 14.34
N SER A 62 10.03 8.38 14.30
CA SER A 62 9.05 8.30 15.38
C SER A 62 9.73 7.92 16.69
N ARG A 63 10.64 6.95 16.63
CA ARG A 63 11.34 6.49 17.83
C ARG A 63 12.13 7.63 18.47
N ALA A 64 12.77 8.42 17.62
CA ALA A 64 13.60 9.55 18.10
C ALA A 64 12.74 10.66 18.69
N LEU A 65 11.61 10.94 18.07
CA LEU A 65 10.67 11.91 18.61
C LEU A 65 10.06 11.44 19.93
N CYS A 66 9.76 10.15 20.04
CA CYS A 66 9.24 9.60 21.30
C CYS A 66 10.25 9.86 22.40
N LYS A 67 11.52 9.62 22.11
CA LYS A 67 12.59 9.79 23.08
C LYS A 67 12.76 11.26 23.45
N MET A 68 12.61 12.13 22.47
CA MET A 68 12.77 13.57 22.70
C MET A 68 11.62 14.10 23.54
N TYR A 69 10.40 13.70 23.21
CA TYR A 69 9.23 14.12 23.96
C TYR A 69 9.30 13.61 25.39
N MET A 70 9.75 12.38 25.55
CA MET A 70 9.90 11.77 26.87
C MET A 70 10.91 12.53 27.72
N GLU A 71 12.05 12.86 27.12
CA GLU A 71 13.08 13.64 27.80
C GLU A 71 12.56 14.99 28.30
N LYS A 72 11.84 15.71 27.45
CA LYS A 72 11.41 17.06 27.78
C LYS A 72 10.18 17.09 28.69
N PHE A 73 9.29 16.10 28.56
CA PHE A 73 7.99 16.16 29.24
C PHE A 73 7.63 14.89 30.03
N GLY A 74 8.42 13.84 29.90
CA GLY A 74 8.12 12.59 30.60
C GLY A 74 6.97 11.84 29.99
N THR A 75 6.56 12.25 28.79
CA THR A 75 5.44 11.63 28.09
C THR A 75 5.61 11.81 26.59
N ILE A 76 4.99 10.93 25.81
CA ILE A 76 5.05 11.03 24.36
C ILE A 76 3.93 11.95 23.88
N LEU A 77 4.28 12.96 23.08
CA LEU A 77 3.29 13.85 22.50
C LEU A 77 2.89 13.38 21.11
N HIS A 78 1.76 13.90 20.64
CA HIS A 78 1.18 13.49 19.37
C HIS A 78 2.13 13.70 18.19
N HIS A 79 2.24 12.66 17.37
CA HIS A 79 2.96 12.74 16.11
C HIS A 79 2.57 11.55 15.26
N ASN A 80 2.80 11.65 13.95
CA ASN A 80 2.73 10.51 13.05
C ASN A 80 3.62 10.81 11.85
N THR A 81 4.82 10.24 11.84
CA THR A 81 5.79 10.51 10.80
C THR A 81 5.90 9.32 9.85
N ASP A 82 4.72 8.86 9.43
CA ASP A 82 4.58 7.71 8.54
C ASP A 82 4.55 8.16 7.08
N GLN A 83 5.43 9.11 6.77
CA GLN A 83 5.53 9.70 5.44
C GLN A 83 6.99 10.05 5.15
N VAL A 84 7.57 9.34 4.19
CA VAL A 84 8.94 9.55 3.75
C VAL A 84 8.97 9.26 2.25
N GLU A 85 9.45 10.21 1.47
CA GLU A 85 9.51 10.07 0.02
C GLU A 85 10.97 10.03 -0.42
N LEU A 86 11.36 8.95 -1.10
CA LEU A 86 12.73 8.82 -1.61
C LEU A 86 12.74 9.01 -3.12
N VAL A 87 13.49 10.01 -3.55
CA VAL A 87 13.68 10.34 -4.96
C VAL A 87 15.07 9.83 -5.36
N GLY A 88 15.12 8.83 -6.22
CA GLY A 88 16.37 8.20 -6.58
C GLY A 88 17.40 9.16 -7.16
N GLY A 89 18.66 8.89 -6.87
CA GLY A 89 19.77 9.66 -7.40
C GLY A 89 20.34 8.97 -8.61
N HIS A 90 21.60 9.29 -8.94
CA HIS A 90 22.25 8.69 -10.08
C HIS A 90 23.71 8.40 -9.76
N ALA A 91 24.26 7.39 -10.41
CA ALA A 91 25.61 6.93 -10.11
C ALA A 91 26.30 6.35 -11.32
N TYR A 92 27.60 6.11 -11.16
CA TYR A 92 28.45 5.56 -12.21
C TYR A 92 29.25 4.43 -11.60
N PRO A 93 28.68 3.21 -11.61
CA PRO A 93 29.39 2.09 -11.01
C PRO A 93 30.61 1.69 -11.84
N LYS A 94 31.62 1.15 -11.18
CA LYS A 94 32.86 0.78 -11.84
C LYS A 94 33.52 -0.30 -11.02
N PHE A 95 34.02 -1.34 -11.68
CA PHE A 95 34.74 -2.39 -10.98
C PHE A 95 35.87 -1.80 -10.16
N GLY A 96 35.91 -2.15 -8.88
CA GLY A 96 36.92 -1.65 -7.97
C GLY A 96 36.50 -0.37 -7.25
N GLY A 97 35.37 0.20 -7.67
CA GLY A 97 34.81 1.35 -6.99
C GLY A 97 34.38 2.41 -7.97
N GLY A 98 33.09 2.75 -7.94
CA GLY A 98 32.54 3.76 -8.82
C GLY A 98 32.32 5.05 -8.06
N VAL A 99 31.52 5.96 -8.64
CA VAL A 99 31.21 7.22 -7.98
C VAL A 99 29.75 7.65 -8.12
N MET A 100 29.28 8.32 -7.08
CA MET A 100 27.95 8.91 -7.07
C MET A 100 27.94 10.15 -7.99
N VAL A 101 26.82 10.38 -8.67
CA VAL A 101 26.71 11.47 -9.66
C VAL A 101 25.66 12.51 -9.24
N SER A 102 24.47 12.05 -8.85
CA SER A 102 23.44 12.94 -8.30
C SER A 102 22.93 12.38 -6.98
N PRO A 103 22.82 13.24 -5.95
CA PRO A 103 22.42 12.69 -4.65
C PRO A 103 20.98 12.16 -4.62
N ILE A 104 20.79 11.12 -3.84
CA ILE A 104 19.46 10.65 -3.49
C ILE A 104 18.79 11.70 -2.63
N TYR A 105 17.58 12.10 -3.01
CA TYR A 105 16.82 13.09 -2.24
C TYR A 105 15.74 12.41 -1.42
N ILE A 106 15.77 12.65 -0.10
CA ILE A 106 14.77 12.10 0.82
C ILE A 106 14.04 13.21 1.54
N LEU A 107 12.72 13.17 1.45
CA LEU A 107 11.85 14.12 2.15
C LEU A 107 11.18 13.47 3.35
N LEU A 108 11.49 13.98 4.55
CA LEU A 108 10.79 13.56 5.75
C LEU A 108 9.50 14.35 5.88
N SER A 109 8.39 13.65 6.09
CA SER A 109 7.12 14.32 6.27
C SER A 109 6.33 13.67 7.41
N GLY A 110 5.07 14.08 7.55
CA GLY A 110 4.23 13.61 8.64
C GLY A 110 3.75 14.75 9.52
N ARG A 111 3.00 14.39 10.57
CA ARG A 111 2.51 15.34 11.56
C ARG A 111 3.31 15.19 12.86
N ALA A 112 3.52 16.28 13.57
CA ALA A 112 4.16 16.21 14.88
C ALA A 112 3.82 17.43 15.71
N THR A 113 3.96 17.30 17.03
CA THR A 113 3.79 18.44 17.91
C THR A 113 5.05 19.30 17.78
N MET A 114 4.90 20.43 17.09
CA MET A 114 6.03 21.30 16.74
C MET A 114 6.30 22.36 17.80
N GLU A 115 5.27 22.69 18.56
CA GLU A 115 5.38 23.78 19.52
C GLU A 115 4.42 23.60 20.69
N ILE A 116 4.70 24.32 21.77
CA ILE A 116 3.86 24.34 22.95
C ILE A 116 3.47 25.79 23.25
N LEU A 117 2.20 26.01 23.59
CA LEU A 117 1.75 27.33 24.00
C LEU A 117 1.87 27.47 25.51
N ASP A 118 2.74 28.40 25.92
CA ASP A 118 2.88 28.76 27.32
C ASP A 118 1.83 29.81 27.64
N LYS A 119 0.70 29.39 28.20
CA LYS A 119 -0.43 30.29 28.40
C LYS A 119 -0.08 31.38 29.42
N GLU A 120 0.97 31.16 30.19
CA GLU A 120 1.37 32.09 31.23
C GLU A 120 2.17 33.25 30.65
N LYS A 121 3.28 32.95 29.98
CA LYS A 121 4.03 33.96 29.26
C LYS A 121 3.21 34.52 28.11
N ASN A 122 2.22 33.74 27.67
CA ASN A 122 1.49 34.00 26.44
C ASN A 122 2.47 33.99 25.25
N GLU A 123 3.32 32.96 25.23
CA GLU A 123 4.29 32.77 24.15
C GLU A 123 4.26 31.35 23.60
N VAL A 124 4.59 31.22 22.31
CA VAL A 124 4.79 29.92 21.68
C VAL A 124 6.22 29.46 21.90
N ILE A 125 6.38 28.20 22.29
CA ILE A 125 7.71 27.60 22.45
C ILE A 125 7.88 26.48 21.44
N LYS A 126 8.94 26.58 20.63
CA LYS A 126 9.20 25.59 19.58
C LYS A 126 9.98 24.39 20.10
N LEU A 127 9.57 23.21 19.64
CA LEU A 127 10.23 21.95 20.00
C LEU A 127 11.16 21.49 18.87
N PRO A 128 12.25 20.80 19.21
CA PRO A 128 13.29 20.42 18.24
C PRO A 128 12.90 19.20 17.38
N VAL A 129 11.77 19.29 16.69
CA VAL A 129 11.28 18.18 15.88
C VAL A 129 12.17 17.99 14.64
N GLY A 130 12.45 19.08 13.93
CA GLY A 130 13.18 18.99 12.68
C GLY A 130 14.60 18.50 12.83
N THR A 131 15.33 19.04 13.80
CA THR A 131 16.69 18.59 14.07
C THR A 131 16.70 17.13 14.49
N THR A 132 15.76 16.75 15.36
CA THR A 132 15.66 15.37 15.82
C THR A 132 15.40 14.42 14.67
N ALA A 133 14.49 14.81 13.79
CA ALA A 133 14.09 13.99 12.65
C ALA A 133 15.23 13.78 11.66
N VAL A 134 15.92 14.86 11.31
CA VAL A 134 16.97 14.79 10.30
C VAL A 134 18.14 13.95 10.82
N LYS A 135 18.47 14.09 12.11
CA LYS A 135 19.55 13.30 12.67
C LYS A 135 19.17 11.82 12.70
N ALA A 136 17.95 11.53 13.12
CA ALA A 136 17.48 10.14 13.18
C ALA A 136 17.53 9.46 11.82
N ALA A 137 17.15 10.19 10.78
CA ALA A 137 17.16 9.64 9.43
C ALA A 137 18.58 9.30 8.98
N LYS A 138 19.51 10.23 9.22
CA LYS A 138 20.90 10.00 8.83
C LYS A 138 21.53 8.85 9.59
N GLU A 139 21.19 8.73 10.87
CA GLU A 139 21.74 7.65 11.68
C GLU A 139 21.19 6.30 11.22
N TYR A 140 19.93 6.28 10.79
CA TYR A 140 19.35 5.02 10.30
C TYR A 140 20.01 4.58 9.01
N LEU A 141 20.16 5.52 8.08
CA LEU A 141 20.82 5.24 6.81
C LEU A 141 22.23 4.69 7.04
N LYS A 142 22.97 5.34 7.94
CA LYS A 142 24.32 4.89 8.28
C LYS A 142 24.31 3.46 8.81
N LYS A 143 23.23 3.10 9.52
CA LYS A 143 23.08 1.76 10.07
C LYS A 143 22.86 0.69 9.00
N VAL A 144 22.03 0.99 8.00
CA VAL A 144 21.61 -0.05 7.06
C VAL A 144 22.39 -0.05 5.73
N LEU A 145 23.00 1.06 5.35
CA LEU A 145 23.81 1.09 4.14
C LEU A 145 25.29 1.32 4.49
N ARG A 146 26.02 0.22 4.62
CA ARG A 146 27.44 0.25 4.97
C ARG A 146 28.25 1.18 4.08
N ASN A 147 27.88 1.25 2.81
CA ASN A 147 28.71 1.91 1.81
C ASN A 147 28.17 3.25 1.30
N VAL A 148 27.17 3.80 1.98
CA VAL A 148 26.68 5.12 1.59
C VAL A 148 27.47 6.20 2.32
N ASP A 149 27.73 7.29 1.61
CA ASP A 149 28.33 8.48 2.18
C ASP A 149 27.22 9.49 2.39
N VAL A 150 26.77 9.66 3.63
CA VAL A 150 25.63 10.52 3.94
C VAL A 150 25.90 12.01 3.74
N ASP A 151 27.16 12.40 3.57
CA ASP A 151 27.48 13.81 3.36
C ASP A 151 27.36 14.18 1.89
N LYS A 152 27.62 13.22 1.01
CA LYS A 152 27.69 13.47 -0.42
C LYS A 152 26.57 12.80 -1.21
N ASP A 153 26.19 11.59 -0.81
CA ASP A 153 25.28 10.77 -1.62
C ASP A 153 23.80 11.02 -1.35
N VAL A 154 23.47 11.66 -0.23
CA VAL A 154 22.09 11.84 0.20
C VAL A 154 21.77 13.27 0.65
N ILE A 155 20.62 13.77 0.22
CA ILE A 155 20.04 15.00 0.76
C ILE A 155 18.82 14.64 1.60
N ILE A 156 18.79 15.06 2.86
CA ILE A 156 17.64 14.81 3.72
C ILE A 156 16.95 16.11 4.11
N ASP A 157 15.76 16.29 3.54
CA ASP A 157 14.92 17.45 3.75
C ASP A 157 13.79 17.09 4.72
N CYS A 158 13.22 18.11 5.35
CA CYS A 158 12.19 17.90 6.36
C CYS A 158 11.06 18.93 6.25
N ARG A 159 9.84 18.43 6.05
CA ARG A 159 8.67 19.30 6.02
C ARG A 159 7.57 18.82 6.96
N ILE A 160 7.95 18.10 8.01
CA ILE A 160 7.01 17.71 9.05
C ILE A 160 6.28 18.95 9.58
N GLY A 161 4.98 18.83 9.81
CA GLY A 161 4.17 19.96 10.25
C GLY A 161 3.25 19.64 11.42
N GLN A 162 2.69 20.70 12.00
CA GLN A 162 1.77 20.58 13.13
C GLN A 162 0.49 19.86 12.72
N GLY A 163 0.03 18.94 13.57
CA GLY A 163 -1.21 18.21 13.32
C GLY A 163 -2.41 19.02 13.77
N SER A 164 -3.61 18.55 13.44
CA SER A 164 -4.83 19.24 13.81
C SER A 164 -5.09 19.09 15.31
N MET A 165 -5.70 20.10 15.92
CA MET A 165 -5.92 20.13 17.38
C MET A 165 -6.88 19.02 17.77
N ASP A 166 -7.81 18.72 16.87
CA ASP A 166 -8.81 17.70 17.13
C ASP A 166 -8.16 16.36 17.45
N ALA A 167 -7.22 15.94 16.61
CA ALA A 167 -6.49 14.70 16.82
C ALA A 167 -5.64 14.74 18.07
N VAL A 168 -5.12 15.92 18.41
CA VAL A 168 -4.29 16.07 19.61
C VAL A 168 -5.13 15.85 20.87
N ASP A 169 -6.36 16.31 20.86
CA ASP A 169 -7.24 16.14 22.02
C ASP A 169 -7.55 14.67 22.26
N VAL A 170 -7.93 13.94 21.21
CA VAL A 170 -8.18 12.51 21.31
C VAL A 170 -6.96 11.81 21.89
N PHE A 171 -5.80 12.23 21.41
CA PHE A 171 -4.52 11.67 21.84
C PHE A 171 -4.32 11.88 23.34
N GLU A 172 -4.65 13.08 23.84
CA GLU A 172 -4.40 13.43 25.22
C GLU A 172 -5.50 12.98 26.19
N ARG A 173 -6.73 12.85 25.69
CA ARG A 173 -7.91 12.58 26.52
C ARG A 173 -7.69 11.48 27.56
N GLN A 174 -6.95 10.43 27.19
CA GLN A 174 -6.72 9.31 28.10
C GLN A 174 -5.35 8.66 27.97
N LYS A 175 -4.39 9.38 27.44
CA LYS A 175 -3.05 8.83 27.21
C LYS A 175 -2.41 8.28 28.49
N GLU A 177 -3.68 6.90 31.13
CA GLU A 177 -4.18 5.57 31.43
C GLU A 177 -4.22 4.70 30.15
N VAL A 178 -5.41 4.42 29.63
CA VAL A 178 -5.55 3.68 28.37
C VAL A 178 -6.02 4.57 27.21
N PRO A 179 -5.16 4.77 26.20
CA PRO A 179 -5.46 5.72 25.10
C PRO A 179 -6.69 5.39 24.25
N LEU A 180 -7.33 6.44 23.73
CA LEU A 180 -8.44 6.32 22.79
C LEU A 180 -7.94 6.14 21.37
N ALA A 181 -8.60 5.28 20.60
CA ALA A 181 -8.21 5.00 19.24
C ALA A 181 -8.28 6.25 18.37
N ASN A 182 -7.18 6.52 17.68
CA ASN A 182 -7.07 7.72 16.86
C ASN A 182 -8.05 7.74 15.71
N ASP A 183 -8.49 6.56 15.26
CA ASP A 183 -9.21 6.46 14.00
C ASP A 183 -9.99 5.15 13.93
N THR A 184 -10.81 5.03 12.87
CA THR A 184 -11.51 3.78 12.56
C THR A 184 -10.73 3.04 11.48
N SER A 185 -9.95 2.04 11.91
CA SER A 185 -9.03 1.31 11.03
C SER A 185 -8.93 -0.14 11.48
N PHE A 186 -8.33 -0.99 10.63
CA PHE A 186 -8.16 -2.39 10.98
C PHE A 186 -6.71 -2.88 10.78
N GLY A 187 -6.31 -3.83 11.63
CA GLY A 187 -5.07 -4.55 11.48
C GLY A 187 -5.34 -6.02 11.26
N VAL A 188 -4.36 -6.72 10.69
CA VAL A 188 -4.51 -8.13 10.40
C VAL A 188 -3.22 -8.87 10.75
N GLY A 189 -3.36 -10.16 11.05
CA GLY A 189 -2.20 -10.99 11.32
C GLY A 189 -2.63 -12.43 11.16
N TYR A 190 -1.65 -13.31 10.99
CA TYR A 190 -1.92 -14.73 10.82
C TYR A 190 -0.72 -15.54 11.25
N ALA A 191 -0.95 -16.83 11.49
CA ALA A 191 0.10 -17.74 11.87
C ALA A 191 -0.39 -19.15 11.65
N PRO A 192 0.52 -20.10 11.38
CA PRO A 192 1.97 -19.90 11.24
C PRO A 192 2.37 -19.47 9.84
N LEU A 193 3.64 -19.12 9.67
CA LEU A 193 4.21 -18.91 8.35
C LEU A 193 4.25 -20.23 7.59
N SER A 194 3.99 -20.17 6.29
CA SER A 194 4.19 -21.32 5.43
C SER A 194 5.68 -21.53 5.16
N THR A 195 6.02 -22.69 4.63
CA THR A 195 7.40 -22.99 4.25
C THR A 195 7.97 -21.92 3.30
N THR A 196 7.18 -21.51 2.32
CA THR A 196 7.62 -20.55 1.31
C THR A 196 7.85 -19.18 1.96
N GLU A 197 6.95 -18.78 2.85
CA GLU A 197 7.06 -17.50 3.54
C GLU A 197 8.31 -17.46 4.41
N ARG A 198 8.56 -18.54 5.14
CA ARG A 198 9.72 -18.60 6.02
C ARG A 198 11.01 -18.59 5.22
N LEU A 199 11.02 -19.28 4.08
CA LEU A 199 12.20 -19.32 3.24
C LEU A 199 12.55 -17.92 2.73
N VAL A 200 11.54 -17.21 2.26
CA VAL A 200 11.72 -15.85 1.74
C VAL A 200 12.20 -14.90 2.84
N LEU A 201 11.55 -14.97 4.01
CA LEU A 201 11.90 -14.10 5.12
C LEU A 201 13.33 -14.35 5.58
N GLU A 202 13.67 -15.62 5.75
CA GLU A 202 14.97 -15.98 6.33
C GLU A 202 16.12 -15.81 5.32
N THR A 203 15.80 -15.92 4.03
CA THR A 203 16.82 -15.71 3.00
C THR A 203 17.28 -14.25 3.05
N GLU A 204 16.34 -13.32 3.12
CA GLU A 204 16.70 -11.91 3.17
C GLU A 204 17.43 -11.58 4.46
N ARG A 205 16.89 -12.06 5.58
CA ARG A 205 17.49 -11.80 6.89
C ARG A 205 18.91 -12.34 6.97
N PHE A 206 19.14 -13.52 6.41
CA PHE A 206 20.48 -14.09 6.41
C PHE A 206 21.44 -13.24 5.56
N LEU A 207 21.03 -12.88 4.35
CA LEU A 207 21.91 -12.15 3.45
C LEU A 207 22.18 -10.72 3.91
N ASN A 208 21.33 -10.19 4.78
CA ASN A 208 21.54 -8.87 5.36
C ASN A 208 21.97 -8.92 6.82
N SER A 209 22.38 -10.10 7.27
CA SER A 209 22.97 -10.25 8.59
C SER A 209 24.40 -9.74 8.57
N ASP A 210 24.85 -9.15 9.68
CA ASP A 210 26.20 -8.61 9.79
C ASP A 210 27.25 -9.70 9.55
N GLU A 211 26.95 -10.91 10.01
CA GLU A 211 27.87 -12.03 9.87
C GLU A 211 28.14 -12.34 8.40
N LEU A 212 27.08 -12.30 7.59
CA LEU A 212 27.21 -12.64 6.18
C LEU A 212 27.96 -11.56 5.43
N LYS A 213 27.65 -10.31 5.72
CA LYS A 213 28.24 -9.19 5.00
C LYS A 213 29.70 -8.99 5.41
N ASN A 214 30.05 -9.42 6.62
CA ASN A 214 31.45 -9.42 7.03
C ASN A 214 32.25 -10.41 6.20
N GLU A 215 31.64 -11.53 5.86
CA GLU A 215 32.27 -12.58 5.07
C GLU A 215 32.24 -12.27 3.57
N ILE A 216 31.18 -11.60 3.13
CA ILE A 216 31.02 -11.25 1.70
C ILE A 216 30.61 -9.78 1.56
N PRO A 217 31.57 -8.86 1.78
CA PRO A 217 31.26 -7.43 1.75
C PRO A 217 30.74 -6.91 0.41
N ALA A 218 30.88 -7.68 -0.66
CA ALA A 218 30.32 -7.28 -1.96
C ALA A 218 28.79 -7.30 -1.95
N VAL A 219 28.20 -7.88 -0.92
CA VAL A 219 26.74 -7.99 -0.84
C VAL A 219 26.12 -6.69 -0.34
N GLY A 220 25.36 -6.03 -1.21
CA GLY A 220 24.64 -4.82 -0.86
C GLY A 220 23.38 -5.13 -0.08
N GLU A 221 22.78 -4.11 0.52
CA GLU A 221 21.63 -4.32 1.39
C GLU A 221 20.31 -4.27 0.65
N ASP A 222 20.34 -3.83 -0.60
CA ASP A 222 19.15 -3.82 -1.43
C ASP A 222 18.97 -5.21 -2.02
N ILE A 223 18.21 -6.02 -1.30
CA ILE A 223 17.95 -7.39 -1.68
C ILE A 223 16.45 -7.59 -1.70
N LYS A 224 15.92 -7.93 -2.88
CA LYS A 224 14.51 -8.27 -3.05
C LYS A 224 14.42 -9.78 -3.30
N VAL A 225 13.58 -10.44 -2.51
CA VAL A 225 13.42 -11.90 -2.62
C VAL A 225 11.97 -12.20 -2.93
N MET A 226 11.74 -12.90 -4.04
CA MET A 226 10.41 -13.39 -4.37
C MET A 226 10.41 -14.92 -4.40
N GLY A 227 9.42 -15.49 -3.72
CA GLY A 227 9.24 -16.94 -3.70
C GLY A 227 7.98 -17.34 -4.44
N LEU A 228 8.15 -18.20 -5.44
CA LEU A 228 7.02 -18.75 -6.18
C LEU A 228 6.97 -20.25 -5.97
N ARG A 229 5.94 -20.73 -5.28
CA ARG A 229 5.74 -22.17 -5.11
C ARG A 229 4.73 -22.70 -6.11
N GLU A 230 5.11 -23.80 -6.76
CA GLU A 230 4.20 -24.53 -7.62
C GLU A 230 4.28 -25.99 -7.20
N GLY A 231 3.24 -26.45 -6.52
CA GLY A 231 3.26 -27.79 -5.95
C GLY A 231 4.31 -27.86 -4.87
N LYS A 232 5.31 -28.73 -5.06
CA LYS A 232 6.39 -28.88 -4.10
C LYS A 232 7.69 -28.27 -4.62
N LYS A 233 7.58 -27.48 -5.69
CA LYS A 233 8.72 -26.74 -6.23
C LYS A 233 8.65 -25.29 -5.79
N ILE A 234 9.72 -24.79 -5.17
CA ILE A 234 9.82 -23.37 -4.81
C ILE A 234 10.94 -22.71 -5.59
N THR A 235 10.58 -21.74 -6.42
CA THR A 235 11.55 -20.94 -7.16
C THR A 235 11.79 -19.63 -6.41
N LEU A 236 13.04 -19.43 -6.00
CA LEU A 236 13.43 -18.22 -5.30
C LEU A 236 14.14 -17.29 -6.25
N THR A 237 13.55 -16.13 -6.50
CA THR A 237 14.17 -15.12 -7.34
C THR A 237 14.71 -14.00 -6.47
N ILE A 238 16.00 -13.74 -6.60
CA ILE A 238 16.69 -12.75 -5.76
C ILE A 238 17.30 -11.67 -6.64
N ALA A 239 16.96 -10.41 -6.35
CA ALA A 239 17.65 -9.27 -6.94
C ALA A 239 18.51 -8.68 -5.84
N MET A 240 19.82 -8.76 -6.01
CA MET A 240 20.78 -8.40 -4.97
C MET A 240 21.81 -7.40 -5.50
N ALA A 241 21.83 -6.21 -4.92
CA ALA A 241 22.80 -5.20 -5.33
C ALA A 241 24.20 -5.62 -4.89
N VAL A 242 25.15 -5.53 -5.81
CA VAL A 242 26.54 -5.85 -5.51
C VAL A 242 27.34 -4.55 -5.40
N VAL A 243 28.19 -4.46 -4.39
CA VAL A 243 28.96 -3.25 -4.10
C VAL A 243 30.27 -3.28 -4.88
N ASP A 244 30.47 -2.30 -5.75
CA ASP A 244 31.50 -2.42 -6.77
C ASP A 244 32.92 -2.24 -6.26
N ARG A 245 33.08 -1.69 -5.05
CA ARG A 245 34.42 -1.53 -4.50
C ARG A 245 35.03 -2.89 -4.10
N TYR A 246 34.18 -3.91 -3.99
CA TYR A 246 34.62 -5.22 -3.54
C TYR A 246 34.67 -6.25 -4.65
N VAL A 247 34.45 -5.83 -5.89
CA VAL A 247 34.57 -6.72 -7.04
C VAL A 247 35.42 -6.05 -8.12
N LYS A 248 36.61 -6.61 -8.35
CA LYS A 248 37.61 -5.95 -9.20
C LYS A 248 37.37 -6.22 -10.68
N ASN A 249 36.48 -7.15 -11.00
CA ASN A 249 36.18 -7.48 -12.39
C ASN A 249 34.96 -8.39 -12.47
N ILE A 250 34.54 -8.72 -13.70
CA ILE A 250 33.34 -9.51 -13.90
C ILE A 250 33.48 -10.91 -13.30
N GLU A 251 34.70 -11.46 -13.33
CA GLU A 251 34.95 -12.76 -12.73
C GLU A 251 34.65 -12.75 -11.24
N GLU A 252 35.10 -11.72 -10.54
CA GLU A 252 34.85 -11.63 -9.10
C GLU A 252 33.38 -11.44 -8.82
N TYR A 253 32.69 -10.72 -9.70
CA TYR A 253 31.25 -10.55 -9.59
C TYR A 253 30.56 -11.91 -9.64
N LYS A 254 30.84 -12.71 -10.67
CA LYS A 254 30.29 -14.06 -10.78
C LYS A 254 30.53 -14.89 -9.52
N GLU A 255 31.74 -14.79 -8.98
CA GLU A 255 32.10 -15.55 -7.80
C GLU A 255 31.24 -15.16 -6.60
N VAL A 256 30.89 -13.88 -6.50
CA VAL A 256 29.99 -13.45 -5.44
C VAL A 256 28.62 -14.08 -5.62
N ILE A 257 28.11 -14.05 -6.85
CA ILE A 257 26.79 -14.61 -7.14
C ILE A 257 26.75 -16.08 -6.73
N GLU A 258 27.76 -16.84 -7.15
CA GLU A 258 27.75 -18.27 -6.93
C GLU A 258 28.00 -18.60 -5.45
N LYS A 259 28.74 -17.74 -4.77
CA LYS A 259 28.96 -17.93 -3.33
C LYS A 259 27.68 -17.68 -2.53
N VAL A 260 26.93 -16.66 -2.91
CA VAL A 260 25.66 -16.36 -2.25
C VAL A 260 24.67 -17.50 -2.51
N ARG A 261 24.65 -17.94 -3.76
CA ARG A 261 23.78 -19.01 -4.21
C ARG A 261 23.95 -20.27 -3.38
N LYS A 262 25.20 -20.70 -3.22
CA LYS A 262 25.52 -21.87 -2.40
C LYS A 262 24.99 -21.69 -0.98
N LYS A 263 25.16 -20.50 -0.42
CA LYS A 263 24.73 -20.23 0.95
C LYS A 263 23.20 -20.33 1.07
N VAL A 264 22.49 -19.86 0.06
CA VAL A 264 21.04 -19.90 0.08
C VAL A 264 20.55 -21.33 -0.12
N GLU A 265 21.28 -22.10 -0.92
CA GLU A 265 20.98 -23.52 -1.10
C GLU A 265 21.03 -24.25 0.23
N ASP A 266 22.06 -23.96 1.01
CA ASP A 266 22.22 -24.58 2.33
C ASP A 266 21.09 -24.15 3.26
N LEU A 267 20.69 -22.89 3.17
CA LEU A 267 19.57 -22.41 3.99
C LEU A 267 18.30 -23.16 3.62
N ALA A 268 18.09 -23.37 2.33
CA ALA A 268 16.87 -23.98 1.84
C ALA A 268 16.78 -25.46 2.22
N LYS A 269 17.93 -26.10 2.35
CA LYS A 269 17.98 -27.49 2.81
C LYS A 269 17.53 -27.57 4.27
N LYS A 270 17.94 -26.58 5.07
CA LYS A 270 17.58 -26.53 6.48
C LYS A 270 16.07 -26.38 6.70
N ILE A 271 15.45 -25.38 6.06
CA ILE A 271 14.08 -24.99 6.40
C ILE A 271 13.04 -25.30 5.33
N ALA A 272 13.46 -25.80 4.17
CA ALA A 272 12.51 -26.26 3.15
C ALA A 272 12.76 -27.71 2.80
N ASP A 273 13.05 -28.52 3.82
CA ASP A 273 13.30 -29.95 3.61
C ASP A 273 12.09 -30.60 2.96
N GLY A 274 12.31 -31.26 1.84
CA GLY A 274 11.25 -31.97 1.14
C GLY A 274 10.74 -31.22 -0.08
N TYR A 275 11.26 -30.02 -0.30
CA TYR A 275 10.89 -29.22 -1.46
C TYR A 275 12.01 -29.16 -2.48
N GLU A 276 11.63 -29.09 -3.76
CA GLU A 276 12.57 -28.80 -4.83
C GLU A 276 12.78 -27.30 -4.93
N VAL A 277 13.96 -26.82 -4.56
CA VAL A 277 14.23 -25.38 -4.53
C VAL A 277 15.20 -24.93 -5.63
N GLU A 278 14.71 -24.06 -6.50
CA GLU A 278 15.52 -23.42 -7.52
C GLU A 278 15.87 -22.01 -7.05
N ILE A 279 17.12 -21.61 -7.24
CA ILE A 279 17.58 -20.29 -6.81
C ILE A 279 18.11 -19.51 -7.99
N HIS A 280 17.44 -18.40 -8.29
CA HIS A 280 17.77 -17.55 -9.43
C HIS A 280 18.18 -16.18 -8.92
N ILE A 281 19.40 -15.76 -9.25
CA ILE A 281 19.94 -14.51 -8.74
C ILE A 281 20.29 -13.54 -9.85
N ASN A 282 19.77 -12.32 -9.74
CA ASN A 282 20.11 -11.24 -10.67
C ASN A 282 19.94 -11.66 -12.13
N THR A 283 18.71 -12.01 -12.47
CA THR A 283 18.42 -12.73 -13.71
C THR A 283 18.50 -11.84 -14.95
N ALA A 284 18.54 -10.53 -14.77
CA ALA A 284 18.68 -9.60 -15.89
C ALA A 284 20.15 -9.36 -16.27
N ASP A 285 21.07 -10.00 -15.57
CA ASP A 285 22.49 -9.84 -15.85
C ASP A 285 22.83 -10.25 -17.29
N ASP A 286 23.72 -9.48 -17.90
CA ASP A 286 24.16 -9.72 -19.27
C ASP A 286 25.68 -9.75 -19.31
N TYR A 287 26.25 -10.94 -19.20
CA TYR A 287 27.70 -11.08 -19.10
C TYR A 287 28.40 -10.78 -20.42
N GLU A 288 27.69 -10.99 -21.52
CA GLU A 288 28.24 -10.69 -22.84
C GLU A 288 28.62 -9.22 -22.92
N ARG A 289 27.80 -8.36 -22.32
CA ARG A 289 27.97 -6.92 -22.39
C ARG A 289 28.48 -6.34 -21.06
N GLU A 290 28.91 -7.21 -20.16
CA GLU A 290 29.31 -6.81 -18.81
C GLU A 290 28.28 -5.88 -18.16
N SER A 291 27.00 -6.17 -18.42
CA SER A 291 25.91 -5.38 -17.85
C SER A 291 25.24 -6.14 -16.71
N VAL A 292 25.65 -5.84 -15.48
CA VAL A 292 25.18 -6.55 -14.31
C VAL A 292 24.75 -5.60 -13.19
N TYR A 293 24.20 -6.18 -12.12
CA TYR A 293 23.67 -5.41 -11.00
C TYR A 293 24.78 -4.86 -10.11
N LEU A 294 25.57 -3.95 -10.66
CA LEU A 294 26.62 -3.26 -9.89
C LEU A 294 26.16 -1.93 -9.33
N THR A 295 26.51 -1.66 -8.07
CA THR A 295 26.21 -0.37 -7.45
C THR A 295 27.42 0.18 -6.72
N VAL A 296 27.39 1.50 -6.51
CA VAL A 296 28.39 2.17 -5.70
C VAL A 296 28.04 2.04 -4.22
N THR A 297 26.75 2.20 -3.91
CA THR A 297 26.29 2.34 -2.53
C THR A 297 25.59 1.10 -1.93
N GLY A 298 25.24 0.13 -2.78
CA GLY A 298 24.54 -1.05 -2.32
C GLY A 298 23.02 -0.96 -2.38
N THR A 299 22.50 0.14 -2.92
CA THR A 299 21.06 0.31 -3.08
C THR A 299 20.68 0.83 -4.45
N SER A 300 19.58 0.31 -5.00
CA SER A 300 19.07 0.74 -6.29
C SER A 300 18.56 2.18 -6.26
N ALA A 301 18.49 2.77 -5.07
CA ALA A 301 18.13 4.18 -4.94
C ALA A 301 19.07 5.05 -5.75
N GLU A 302 20.30 4.56 -5.96
CA GLU A 302 21.30 5.31 -6.72
C GLU A 302 21.06 5.20 -8.23
N MET A 303 20.09 4.37 -8.61
CA MET A 303 19.83 4.08 -10.02
C MET A 303 18.58 4.77 -10.54
N GLY A 304 18.10 5.77 -9.81
CA GLY A 304 16.90 6.48 -10.20
C GLY A 304 15.62 5.85 -9.68
N ASP A 305 15.74 4.77 -8.91
CA ASP A 305 14.56 4.11 -8.35
C ASP A 305 14.06 4.86 -7.12
N ASP A 306 12.75 4.95 -7.00
CA ASP A 306 12.09 5.71 -5.95
C ASP A 306 11.51 4.82 -4.86
N GLY A 307 11.23 5.46 -3.72
CA GLY A 307 10.56 4.79 -2.61
C GLY A 307 9.61 5.70 -1.86
N SER A 308 8.62 5.08 -1.22
CA SER A 308 7.80 5.75 -0.21
C SER A 308 7.29 4.76 0.83
N VAL A 309 6.57 5.26 1.83
CA VAL A 309 6.19 4.46 2.98
C VAL A 309 4.93 3.63 2.72
N GLY A 310 4.92 2.41 3.23
CA GLY A 310 3.74 1.55 3.16
C GLY A 310 3.58 0.88 1.81
N ARG A 311 4.65 0.83 1.02
CA ARG A 311 4.64 0.24 -0.32
C ARG A 311 5.12 -1.20 -0.32
N GLY A 312 5.55 -1.69 0.85
CA GLY A 312 6.32 -2.91 0.90
C GLY A 312 5.81 -3.91 1.91
N ASN A 313 6.72 -4.44 2.71
CA ASN A 313 6.39 -5.50 3.64
C ASN A 313 5.36 -5.07 4.68
N ARG A 314 4.53 -6.02 5.10
CA ARG A 314 3.64 -5.83 6.23
C ARG A 314 4.48 -6.01 7.48
N VAL A 315 3.87 -5.90 8.67
CA VAL A 315 4.66 -5.98 9.90
C VAL A 315 5.31 -7.34 10.13
N ASN A 316 4.76 -8.40 9.51
CA ASN A 316 5.39 -9.71 9.61
C ASN A 316 6.59 -9.84 8.68
N GLY A 317 6.93 -8.77 7.97
CA GLY A 317 8.10 -8.76 7.12
C GLY A 317 7.87 -9.22 5.69
N LEU A 318 6.62 -9.48 5.32
CA LEU A 318 6.33 -10.06 4.01
C LEU A 318 5.18 -9.41 3.24
N ILE A 319 5.19 -9.63 1.93
CA ILE A 319 4.12 -9.26 1.02
C ILE A 319 3.47 -10.57 0.53
N THR A 320 2.18 -10.74 0.81
CA THR A 320 1.50 -12.04 0.68
C THR A 320 0.09 -11.95 0.09
N PRO A 321 -0.03 -12.01 -1.25
CA PRO A 321 -1.38 -11.92 -1.83
C PRO A 321 -2.27 -13.16 -1.60
N PHE A 322 -1.71 -14.22 -1.03
CA PHE A 322 -2.50 -15.41 -0.68
C PHE A 322 -2.84 -15.41 0.81
N ARG A 323 -2.61 -14.28 1.48
CA ARG A 323 -3.00 -14.11 2.88
C ARG A 323 -3.75 -12.78 3.02
N PRO A 324 -4.57 -12.65 4.06
CA PRO A 324 -5.16 -11.33 4.30
C PRO A 324 -4.10 -10.30 4.64
N MET A 325 -4.29 -9.07 4.17
CA MET A 325 -3.39 -7.96 4.48
C MET A 325 -4.18 -6.73 4.88
N SER A 326 -3.55 -5.88 5.69
CA SER A 326 -4.05 -4.56 6.00
C SER A 326 -3.26 -3.58 5.15
N MET A 327 -3.90 -2.51 4.69
CA MET A 327 -3.21 -1.51 3.88
C MET A 327 -2.59 -0.42 4.76
N GLU A 328 -2.78 -0.51 6.08
CA GLU A 328 -2.16 0.44 7.00
C GLU A 328 -0.63 0.29 6.98
N ALA A 329 0.06 1.43 7.04
CA ALA A 329 1.52 1.45 7.10
C ALA A 329 1.97 1.69 8.53
N ALA A 330 2.38 0.62 9.22
CA ALA A 330 2.72 0.70 10.64
C ALA A 330 3.89 1.64 10.92
N SER A 331 4.83 1.72 10.00
CA SER A 331 6.07 2.45 10.20
C SER A 331 5.86 3.96 10.35
N GLY A 332 6.37 4.51 11.45
CA GLY A 332 6.32 5.95 11.67
C GLY A 332 5.08 6.46 12.40
N LYS A 333 4.09 5.60 12.54
CA LYS A 333 2.88 5.95 13.28
C LYS A 333 3.20 5.94 14.77
N ASN A 334 2.52 6.76 15.57
CA ASN A 334 2.88 6.82 16.98
C ASN A 334 2.39 5.56 17.70
N PRO A 335 3.19 5.07 18.65
CA PRO A 335 2.88 3.82 19.33
C PRO A 335 1.92 3.97 20.51
N VAL A 336 1.35 5.15 20.68
CA VAL A 336 0.44 5.39 21.80
C VAL A 336 -1.00 5.06 21.42
N ASN A 337 -1.50 5.66 20.35
CA ASN A 337 -2.91 5.51 20.01
C ASN A 337 -3.23 5.35 18.51
N HIS A 338 -2.22 5.11 17.68
CA HIS A 338 -2.52 4.85 16.28
C HIS A 338 -2.73 3.37 16.06
N VAL A 339 -3.99 3.01 15.87
CA VAL A 339 -4.39 1.61 15.74
C VAL A 339 -3.86 0.97 14.46
N GLY A 340 -3.53 1.77 13.46
CA GLY A 340 -2.92 1.26 12.25
C GLY A 340 -1.58 0.61 12.51
N LYS A 341 -0.96 1.00 13.62
CA LYS A 341 0.28 0.39 14.07
C LYS A 341 -0.02 -0.70 15.09
N ILE A 342 -0.77 -0.32 16.11
CA ILE A 342 -0.97 -1.16 17.29
C ILE A 342 -1.75 -2.43 16.95
N TYR A 343 -2.82 -2.30 16.17
CA TYR A 343 -3.66 -3.46 15.87
C TYR A 343 -2.99 -4.44 14.92
N ASN A 344 -2.11 -3.95 14.04
CA ASN A 344 -1.39 -4.85 13.16
C ASN A 344 -0.36 -5.67 13.93
N ILE A 345 0.31 -5.04 14.90
CA ILE A 345 1.20 -5.78 15.79
C ILE A 345 0.40 -6.72 16.68
N LEU A 346 -0.69 -6.21 17.25
CA LEU A 346 -1.51 -6.99 18.18
C LEU A 346 -2.10 -8.23 17.50
N ALA A 347 -2.50 -8.09 16.25
CA ALA A 347 -3.13 -9.20 15.53
C ALA A 347 -2.11 -10.31 15.29
N ASN A 348 -0.88 -9.91 15.01
CA ASN A 348 0.22 -10.84 14.84
C ASN A 348 0.53 -11.60 16.12
N LEU A 349 0.60 -10.88 17.24
CA LEU A 349 0.88 -11.48 18.53
C LEU A 349 -0.19 -12.50 18.91
N ILE A 350 -1.44 -12.16 18.63
CA ILE A 350 -2.56 -13.01 19.00
C ILE A 350 -2.57 -14.25 18.11
N ALA A 351 -2.49 -14.05 16.80
CA ALA A 351 -2.47 -15.15 15.85
C ALA A 351 -1.37 -16.14 16.18
N ASN A 352 -0.20 -15.61 16.54
CA ASN A 352 0.95 -16.44 16.86
C ASN A 352 0.67 -17.36 18.04
N ASP A 353 0.03 -16.84 19.08
CA ASP A 353 -0.25 -17.62 20.28
C ASP A 353 -1.35 -18.66 20.03
N ILE A 354 -2.32 -18.32 19.20
CA ILE A 354 -3.41 -19.23 18.91
C ILE A 354 -2.92 -20.41 18.05
N ALA A 355 -1.98 -20.14 17.14
CA ALA A 355 -1.43 -21.18 16.28
C ALA A 355 -0.68 -22.24 17.09
N LYS A 356 -0.21 -21.85 18.28
CA LYS A 356 0.46 -22.78 19.19
C LYS A 356 -0.46 -23.90 19.65
N LEU A 357 -1.76 -23.62 19.66
CA LEU A 357 -2.73 -24.57 20.18
C LEU A 357 -2.73 -25.84 19.35
N GLU A 358 -2.74 -26.97 20.03
CA GLU A 358 -2.99 -28.23 19.39
C GLU A 358 -4.37 -28.16 18.75
N GLY A 359 -4.46 -28.53 17.49
CA GLY A 359 -5.75 -28.52 16.81
C GLY A 359 -5.92 -27.35 15.87
N VAL A 360 -5.09 -26.32 16.03
CA VAL A 360 -5.10 -25.16 15.14
C VAL A 360 -4.08 -25.34 14.01
N LYS A 361 -4.56 -25.46 12.79
CA LYS A 361 -3.68 -25.55 11.63
C LYS A 361 -3.28 -24.17 11.12
N GLU A 362 -4.27 -23.28 11.03
CA GLU A 362 -4.07 -21.91 10.58
C GLU A 362 -4.95 -20.98 11.40
N CYS A 363 -4.47 -19.76 11.65
CA CYS A 363 -5.24 -18.78 12.38
C CYS A 363 -5.13 -17.40 11.73
N TYR A 364 -6.28 -16.74 11.54
CA TYR A 364 -6.35 -15.40 10.97
C TYR A 364 -7.05 -14.46 11.93
N VAL A 365 -6.40 -13.32 12.22
CA VAL A 365 -6.91 -12.36 13.17
C VAL A 365 -7.05 -11.00 12.51
N ARG A 366 -8.25 -10.43 12.63
CA ARG A 366 -8.53 -9.11 12.09
C ARG A 366 -9.14 -8.26 13.21
N ILE A 367 -8.60 -7.07 13.41
CA ILE A 367 -9.03 -6.24 14.53
C ILE A 367 -9.42 -4.86 14.03
N LEU A 368 -10.67 -4.47 14.31
CA LEU A 368 -11.22 -3.20 13.87
C LEU A 368 -11.51 -2.29 15.07
N SER A 369 -11.02 -1.06 15.00
CA SER A 369 -11.30 -0.05 16.02
C SER A 369 -12.55 0.75 15.71
N GLN A 370 -13.04 1.49 16.69
CA GLN A 370 -13.90 2.64 16.44
C GLN A 370 -13.22 3.88 17.01
N ALA A 371 -13.11 4.92 16.18
CA ALA A 371 -12.43 6.16 16.56
C ALA A 371 -13.05 6.74 17.84
N GLY A 372 -12.21 7.00 18.82
CA GLY A 372 -12.65 7.62 20.06
C GLY A 372 -12.83 6.63 21.20
N LYS A 373 -12.83 5.34 20.86
CA LYS A 373 -12.98 4.30 21.86
C LYS A 373 -11.62 3.79 22.33
N PRO A 374 -11.51 3.36 23.60
CA PRO A 374 -10.25 2.82 24.12
C PRO A 374 -9.67 1.74 23.21
N ILE A 375 -8.34 1.73 23.06
CA ILE A 375 -7.73 0.80 22.10
C ILE A 375 -7.93 -0.66 22.50
N ASN A 376 -8.25 -0.94 23.76
CA ASN A 376 -8.53 -2.31 24.19
C ASN A 376 -10.03 -2.62 24.16
N GLU A 377 -10.79 -1.77 23.46
CA GLU A 377 -12.19 -2.04 23.15
C GLU A 377 -12.41 -1.95 21.64
N PRO A 378 -11.84 -2.90 20.89
CA PRO A 378 -12.08 -2.90 19.45
C PRO A 378 -13.55 -3.08 19.12
N LYS A 379 -13.99 -2.49 18.01
CA LYS A 379 -15.34 -2.71 17.51
C LYS A 379 -15.53 -4.19 17.23
N ALA A 380 -14.48 -4.82 16.73
CA ALA A 380 -14.50 -6.25 16.46
C ALA A 380 -13.09 -6.82 16.50
N LEU A 381 -12.95 -7.96 17.18
CA LEU A 381 -11.73 -8.75 17.17
C LEU A 381 -12.10 -10.11 16.60
N ASP A 382 -11.74 -10.31 15.33
CA ASP A 382 -12.26 -11.40 14.54
C ASP A 382 -11.22 -12.49 14.36
N ILE A 383 -11.58 -13.72 14.71
CA ILE A 383 -10.65 -14.84 14.65
C ILE A 383 -11.21 -15.95 13.78
N GLU A 384 -10.41 -16.39 12.81
CA GLU A 384 -10.74 -17.52 11.95
C GLU A 384 -9.72 -18.63 12.15
N ILE A 385 -10.21 -19.86 12.26
CA ILE A 385 -9.34 -20.99 12.53
C ILE A 385 -9.64 -22.13 11.57
N ILE A 386 -8.59 -22.60 10.91
CA ILE A 386 -8.65 -23.87 10.21
C ILE A 386 -8.16 -24.92 11.19
N THR A 387 -9.02 -25.90 11.45
CA THR A 387 -8.75 -26.92 12.44
C THR A 387 -7.93 -28.06 11.85
N GLU A 388 -7.09 -28.67 12.68
CA GLU A 388 -6.42 -29.90 12.29
C GLU A 388 -7.52 -30.98 12.19
N ASP A 389 -7.29 -31.98 11.37
CA ASP A 389 -8.29 -33.04 11.17
C ASP A 389 -8.75 -33.65 12.49
N SER A 390 -10.07 -33.70 12.67
CA SER A 390 -10.73 -34.39 13.77
C SER A 390 -10.87 -33.54 15.04
N TYR A 391 -10.32 -32.33 15.04
CA TYR A 391 -10.48 -31.43 16.18
C TYR A 391 -11.77 -30.62 16.06
N ASP A 392 -12.33 -30.28 17.22
CA ASP A 392 -13.59 -29.55 17.29
C ASP A 392 -13.33 -28.08 17.60
N ILE A 393 -13.84 -27.19 16.76
CA ILE A 393 -13.70 -25.75 16.97
C ILE A 393 -14.30 -25.36 18.32
N LYS A 394 -15.27 -26.14 18.79
CA LYS A 394 -15.92 -25.88 20.07
C LYS A 394 -14.94 -26.05 21.23
N ASP A 395 -13.97 -26.94 21.08
CA ASP A 395 -12.94 -27.12 22.11
C ASP A 395 -11.90 -26.02 22.02
N ILE A 396 -11.73 -25.46 20.83
CA ILE A 396 -10.69 -24.48 20.57
C ILE A 396 -11.17 -23.05 20.89
N GLU A 397 -12.42 -22.77 20.55
CA GLU A 397 -12.98 -21.42 20.70
C GLU A 397 -12.69 -20.77 22.07
N PRO A 398 -12.98 -21.48 23.17
CA PRO A 398 -12.72 -20.86 24.47
C PRO A 398 -11.25 -20.52 24.68
N LYS A 399 -10.36 -21.38 24.21
CA LYS A 399 -8.92 -21.17 24.35
C LYS A 399 -8.46 -19.95 23.55
N ALA A 400 -8.97 -19.83 22.33
CA ALA A 400 -8.64 -18.70 21.46
C ALA A 400 -9.11 -17.39 22.08
N LYS A 401 -10.34 -17.39 22.59
CA LYS A 401 -10.91 -16.22 23.25
C LYS A 401 -10.06 -15.75 24.42
N GLU A 402 -9.61 -16.69 25.24
CA GLU A 402 -8.80 -16.38 26.40
C GLU A 402 -7.52 -15.67 26.00
N ILE A 403 -6.88 -16.18 24.95
CA ILE A 403 -5.64 -15.61 24.44
C ILE A 403 -5.86 -14.16 24.01
N ALA A 404 -6.93 -13.93 23.26
CA ALA A 404 -7.25 -12.59 22.77
C ALA A 404 -7.57 -11.64 23.93
N ASN A 405 -8.29 -12.14 24.93
CA ASN A 405 -8.63 -11.34 26.10
C ASN A 405 -7.39 -11.03 26.91
N LYS A 406 -6.51 -12.02 27.06
CA LYS A 406 -5.26 -11.84 27.78
C LYS A 406 -4.44 -10.73 27.14
N TRP A 407 -4.44 -10.69 25.82
CA TRP A 407 -3.65 -9.70 25.09
C TRP A 407 -4.26 -8.31 25.21
N LEU A 408 -5.59 -8.24 25.13
CA LEU A 408 -6.29 -6.98 25.30
C LEU A 408 -6.11 -6.44 26.72
N ASP A 409 -6.07 -7.33 27.70
CA ASP A 409 -5.77 -6.93 29.07
C ASP A 409 -4.39 -6.31 29.16
N ASN A 410 -3.46 -6.83 28.36
CA ASN A 410 -2.06 -6.44 28.40
C ASN A 410 -1.65 -5.57 27.22
N ILE A 411 -2.58 -4.79 26.69
CA ILE A 411 -2.35 -4.10 25.43
C ILE A 411 -1.25 -3.03 25.51
N MET A 412 -0.98 -2.51 26.71
CA MET A 412 0.06 -1.50 26.86
C MET A 412 1.45 -2.11 26.69
N GLU A 413 1.51 -3.44 26.69
CA GLU A 413 2.75 -4.15 26.38
C GLU A 413 3.13 -4.00 24.93
N VAL A 414 2.15 -3.73 24.07
CA VAL A 414 2.43 -3.54 22.66
C VAL A 414 3.21 -2.26 22.48
N GLN A 415 2.68 -1.16 23.00
CA GLN A 415 3.39 0.11 23.00
C GLN A 415 4.81 -0.08 23.52
N LYS A 416 4.93 -0.87 24.60
CA LYS A 416 6.22 -1.02 25.27
C LYS A 416 7.20 -1.81 24.42
N MET A 417 6.70 -2.86 23.77
CA MET A 417 7.53 -3.65 22.85
C MET A 417 7.96 -2.82 21.66
N ILE A 418 7.07 -1.95 21.18
CA ILE A 418 7.36 -1.11 20.03
C ILE A 418 8.45 -0.09 20.37
N VAL A 419 8.27 0.60 21.49
CA VAL A 419 9.22 1.63 21.91
C VAL A 419 10.58 1.02 22.21
N GLU A 420 10.60 -0.19 22.76
CA GLU A 420 11.84 -0.85 23.11
C GLU A 420 12.51 -1.50 21.90
N GLY A 421 11.90 -1.35 20.73
CA GLY A 421 12.49 -1.83 19.49
C GLY A 421 12.49 -3.34 19.36
N LYS A 422 11.53 -3.99 20.01
CA LYS A 422 11.52 -5.45 20.09
C LYS A 422 10.63 -6.09 19.04
N VAL A 423 9.89 -5.28 18.29
CA VAL A 423 9.13 -5.74 17.14
C VAL A 423 9.47 -4.94 15.89
N THR A 424 9.28 -5.57 14.74
CA THR A 424 9.47 -4.91 13.45
C THR A 424 8.16 -4.29 12.98
N THR A 425 8.26 -3.23 12.17
CA THR A 425 7.08 -2.64 11.53
C THR A 425 7.10 -2.91 10.03
N PHE A 426 8.11 -3.65 9.57
CA PHE A 426 8.25 -4.02 8.17
C PHE A 426 9.33 -5.08 8.05
N SER B 19 -6.91 -22.59 -33.62
CA SER B 19 -6.62 -21.27 -33.08
C SER B 19 -5.46 -21.33 -32.09
N HIS B 20 -5.52 -20.50 -31.04
CA HIS B 20 -4.41 -20.37 -30.09
C HIS B 20 -4.78 -20.88 -28.70
N MET B 21 -3.89 -21.69 -28.10
CA MET B 21 -4.18 -22.27 -26.78
C MET B 21 -3.34 -21.60 -25.70
N ARG B 22 -4.01 -21.03 -24.70
CA ARG B 22 -3.33 -20.34 -23.61
C ARG B 22 -3.41 -21.18 -22.33
N ASN B 23 -2.64 -20.76 -21.34
CA ASN B 23 -2.53 -21.50 -20.09
C ASN B 23 -3.64 -21.11 -19.10
N ILE B 24 -4.88 -21.46 -19.44
CA ILE B 24 -6.04 -21.11 -18.63
C ILE B 24 -6.58 -22.32 -17.87
N ILE B 25 -6.73 -22.14 -16.55
CA ILE B 25 -7.23 -23.15 -15.65
C ILE B 25 -8.60 -22.73 -15.12
N VAL B 26 -9.60 -23.60 -15.22
CA VAL B 26 -10.88 -23.40 -14.53
C VAL B 26 -11.05 -24.47 -13.48
N LYS B 27 -11.41 -24.04 -12.27
CA LYS B 27 -11.65 -24.97 -11.17
C LYS B 27 -12.90 -24.61 -10.40
N LYS B 28 -13.60 -25.65 -9.96
CA LYS B 28 -14.69 -25.50 -9.02
C LYS B 28 -14.13 -25.22 -7.65
N LEU B 29 -14.61 -24.16 -7.02
CA LEU B 29 -14.22 -23.82 -5.66
C LEU B 29 -15.37 -24.17 -4.72
N ASP B 30 -15.16 -25.18 -3.88
CA ASP B 30 -16.23 -25.70 -3.05
C ASP B 30 -16.09 -25.19 -1.63
N VAL B 31 -16.36 -23.89 -1.45
CA VAL B 31 -16.32 -23.25 -0.14
C VAL B 31 -17.54 -22.33 0.00
N GLU B 32 -17.79 -21.87 1.23
CA GLU B 32 -18.89 -20.93 1.45
C GLU B 32 -18.61 -19.63 0.70
N PRO B 33 -19.61 -19.10 -0.01
CA PRO B 33 -19.40 -17.80 -0.63
C PRO B 33 -19.37 -16.67 0.40
N ILE B 34 -18.93 -15.51 -0.04
CA ILE B 34 -18.64 -14.40 0.85
C ILE B 34 -19.82 -13.96 1.72
N GLU B 35 -21.01 -13.84 1.14
CA GLU B 35 -22.19 -13.39 1.89
C GLU B 35 -22.56 -14.34 3.02
N GLU B 36 -22.26 -15.62 2.83
CA GLU B 36 -22.66 -16.64 3.78
C GLU B 36 -21.67 -16.74 4.93
N ARG B 37 -20.46 -16.24 4.74
CA ARG B 37 -19.50 -16.15 5.84
C ARG B 37 -20.06 -15.15 6.86
N PRO B 38 -19.72 -15.32 8.15
CA PRO B 38 -20.38 -14.53 9.18
C PRO B 38 -19.91 -13.07 9.29
N THR B 39 -18.67 -12.80 8.89
CA THR B 39 -18.07 -11.46 9.05
C THR B 39 -17.50 -10.90 7.76
N GLU B 40 -17.54 -9.58 7.65
CA GLU B 40 -16.90 -8.88 6.55
C GLU B 40 -16.43 -7.50 7.03
N ILE B 41 -15.28 -7.07 6.53
CA ILE B 41 -14.78 -5.72 6.76
C ILE B 41 -14.35 -5.13 5.44
N VAL B 42 -14.86 -3.94 5.14
CA VAL B 42 -14.58 -3.27 3.87
C VAL B 42 -14.33 -1.78 4.10
N GLU B 43 -13.27 -1.26 3.52
CA GLU B 43 -12.96 0.17 3.63
C GLU B 43 -12.76 0.81 2.25
N ARG B 44 -13.12 2.09 2.15
CA ARG B 44 -12.82 2.89 0.97
C ARG B 44 -12.36 4.29 1.36
N LYS B 45 -11.23 4.70 0.82
CA LYS B 45 -10.74 6.08 0.94
C LYS B 45 -11.25 6.90 -0.25
N GLY B 46 -12.09 7.89 0.03
CA GLY B 46 -12.74 8.68 -1.01
C GLY B 46 -11.81 9.67 -1.72
N LEU B 47 -12.39 10.39 -2.68
CA LEU B 47 -11.60 11.14 -3.67
C LEU B 47 -10.72 12.21 -3.03
N GLY B 48 -11.19 12.81 -1.94
CA GLY B 48 -10.48 13.90 -1.29
C GLY B 48 -9.61 13.46 -0.12
N HIS B 49 -9.55 12.16 0.12
CA HIS B 49 -8.65 11.62 1.14
C HIS B 49 -7.22 11.80 0.64
N PRO B 50 -6.28 12.18 1.53
CA PRO B 50 -4.93 12.49 1.07
C PRO B 50 -4.25 11.38 0.26
N ASP B 51 -4.45 10.12 0.65
CA ASP B 51 -3.87 9.00 -0.08
C ASP B 51 -4.49 8.86 -1.47
N SER B 52 -5.81 9.02 -1.56
CA SER B 52 -6.52 8.96 -2.83
C SER B 52 -6.17 10.13 -3.74
N ILE B 53 -5.92 11.30 -3.15
CA ILE B 53 -5.45 12.44 -3.92
C ILE B 53 -4.15 12.07 -4.61
N CYS B 54 -3.26 11.43 -3.87
CA CYS B 54 -1.96 11.03 -4.40
C CYS B 54 -2.06 9.96 -5.49
N ASP B 55 -2.91 8.94 -5.30
CA ASP B 55 -3.13 7.95 -6.35
C ASP B 55 -3.69 8.62 -7.60
N GLY B 56 -4.72 9.44 -7.42
CA GLY B 56 -5.34 10.14 -8.53
C GLY B 56 -4.40 11.07 -9.30
N ILE B 57 -3.54 11.80 -8.59
CA ILE B 57 -2.54 12.63 -9.26
C ILE B 57 -1.56 11.75 -10.03
N ALA B 58 -1.07 10.69 -9.39
CA ALA B 58 -0.12 9.77 -10.02
C ALA B 58 -0.64 9.28 -11.37
N GLU B 59 -1.90 8.84 -11.39
CA GLU B 59 -2.49 8.28 -12.59
C GLU B 59 -2.82 9.40 -13.60
N SER B 60 -3.24 10.56 -13.11
CA SER B 60 -3.51 11.70 -13.98
C SER B 60 -2.26 12.12 -14.75
N VAL B 61 -1.13 12.15 -14.05
CA VAL B 61 0.14 12.53 -14.67
C VAL B 61 0.51 11.50 -15.74
N SER B 62 0.32 10.21 -15.46
CA SER B 62 0.65 9.20 -16.46
C SER B 62 -0.22 9.37 -17.70
N ARG B 63 -1.52 9.56 -17.49
CA ARG B 63 -2.45 9.77 -18.60
C ARG B 63 -2.02 10.95 -19.46
N ALA B 64 -1.61 12.03 -18.81
CA ALA B 64 -1.20 13.23 -19.53
C ALA B 64 0.06 12.97 -20.35
N LEU B 65 1.04 12.29 -19.74
CA LEU B 65 2.26 11.92 -20.46
C LEU B 65 1.97 10.96 -21.62
N CYS B 66 1.06 10.01 -21.42
CA CYS B 66 0.69 9.09 -22.49
C CYS B 66 0.16 9.88 -23.70
N LYS B 67 -0.70 10.85 -23.43
CA LYS B 67 -1.25 11.68 -24.49
C LYS B 67 -0.17 12.52 -25.17
N MET B 68 0.77 13.02 -24.37
CA MET B 68 1.91 13.76 -24.89
C MET B 68 2.71 12.89 -25.86
N TYR B 69 2.99 11.65 -25.46
CA TYR B 69 3.75 10.73 -26.30
C TYR B 69 2.98 10.34 -27.56
N MET B 70 1.68 10.10 -27.41
CA MET B 70 0.87 9.66 -28.54
C MET B 70 0.80 10.74 -29.61
N GLU B 71 0.68 12.00 -29.17
CA GLU B 71 0.58 13.12 -30.09
C GLU B 71 1.85 13.31 -30.91
N LYS B 72 2.99 13.05 -30.31
CA LYS B 72 4.27 13.26 -30.97
C LYS B 72 4.72 12.05 -31.78
N PHE B 73 4.49 10.84 -31.27
CA PHE B 73 5.07 9.63 -31.88
C PHE B 73 4.07 8.56 -32.27
N GLY B 74 2.82 8.67 -31.82
CA GLY B 74 1.83 7.65 -32.10
C GLY B 74 2.06 6.39 -31.30
N THR B 75 2.85 6.51 -30.24
CA THR B 75 3.06 5.40 -29.30
C THR B 75 3.38 5.99 -27.93
N ILE B 76 3.47 5.13 -26.93
CA ILE B 76 3.71 5.54 -25.55
C ILE B 76 5.10 5.08 -25.12
N LEU B 77 5.88 6.03 -24.57
CA LEU B 77 7.24 5.73 -24.15
C LEU B 77 7.31 5.49 -22.65
N HIS B 78 8.42 4.90 -22.21
CA HIS B 78 8.60 4.50 -20.82
C HIS B 78 8.46 5.67 -19.85
N HIS B 79 7.76 5.40 -18.76
CA HIS B 79 7.57 6.33 -17.67
C HIS B 79 6.94 5.60 -16.50
N ASN B 80 7.10 6.16 -15.31
CA ASN B 80 6.35 5.71 -14.15
C ASN B 80 6.25 6.90 -13.21
N THR B 81 5.03 7.26 -12.85
CA THR B 81 4.80 8.42 -12.00
C THR B 81 4.01 8.00 -10.79
N ASP B 82 4.28 6.77 -10.35
CA ASP B 82 3.63 6.15 -9.20
C ASP B 82 4.29 6.59 -7.89
N GLN B 83 4.69 7.85 -7.83
CA GLN B 83 5.36 8.41 -6.66
C GLN B 83 4.89 9.84 -6.49
N VAL B 84 4.08 10.09 -5.47
CA VAL B 84 3.51 11.40 -5.19
C VAL B 84 3.42 11.53 -3.68
N GLU B 85 3.99 12.60 -3.13
CA GLU B 85 3.97 12.83 -1.68
C GLU B 85 3.17 14.09 -1.40
N LEU B 86 2.16 13.98 -0.54
CA LEU B 86 1.36 15.13 -0.12
C LEU B 86 1.64 15.45 1.33
N VAL B 87 2.14 16.67 1.55
CA VAL B 87 2.46 17.17 2.89
C VAL B 87 1.33 18.08 3.34
N GLY B 88 0.72 17.74 4.47
CA GLY B 88 -0.42 18.50 4.97
C GLY B 88 -0.02 19.94 5.20
N GLY B 89 -0.93 20.87 4.95
CA GLY B 89 -0.65 22.28 5.11
C GLY B 89 -0.89 22.77 6.52
N HIS B 90 -1.28 24.04 6.63
CA HIS B 90 -1.62 24.67 7.90
C HIS B 90 -2.91 25.44 7.72
N ALA B 91 -3.83 25.30 8.66
CA ALA B 91 -5.14 25.89 8.54
C ALA B 91 -5.73 26.16 9.90
N TYR B 92 -6.78 26.99 9.93
CA TYR B 92 -7.47 27.33 11.16
C TYR B 92 -8.97 27.37 10.87
N PRO B 93 -9.64 26.21 10.96
CA PRO B 93 -11.08 26.18 10.67
C PRO B 93 -11.91 27.01 11.64
N LYS B 94 -13.03 27.54 11.16
CA LYS B 94 -13.91 28.35 11.97
C LYS B 94 -15.28 28.38 11.31
N PHE B 95 -16.34 28.31 12.12
CA PHE B 95 -17.69 28.42 11.60
C PHE B 95 -17.84 29.67 10.74
N GLY B 96 -18.45 29.52 9.58
CA GLY B 96 -18.69 30.66 8.69
C GLY B 96 -17.56 30.89 7.71
N GLY B 97 -16.39 30.30 7.97
CA GLY B 97 -15.28 30.38 7.06
C GLY B 97 -13.96 30.56 7.78
N GLY B 98 -13.08 29.56 7.66
CA GLY B 98 -11.80 29.58 8.34
C GLY B 98 -10.68 30.12 7.47
N VAL B 99 -9.45 29.89 7.93
CA VAL B 99 -8.27 30.45 7.32
C VAL B 99 -7.32 29.36 6.83
N MET B 100 -6.95 29.43 5.55
CA MET B 100 -5.87 28.60 5.05
C MET B 100 -4.55 29.34 5.22
N VAL B 101 -3.69 28.83 6.10
CA VAL B 101 -2.46 29.52 6.49
C VAL B 101 -1.27 29.19 5.59
N SER B 102 -0.97 27.89 5.47
CA SER B 102 0.13 27.43 4.62
C SER B 102 -0.38 26.44 3.59
N PRO B 103 0.08 26.55 2.33
CA PRO B 103 -0.45 25.65 1.30
C PRO B 103 -0.08 24.18 1.51
N ILE B 104 -0.92 23.31 0.98
CA ILE B 104 -0.61 21.91 0.82
C ILE B 104 0.57 21.77 -0.13
N TYR B 105 1.57 20.99 0.24
CA TYR B 105 2.75 20.79 -0.61
C TYR B 105 2.71 19.40 -1.22
N ILE B 106 2.76 19.34 -2.56
CA ILE B 106 2.71 18.08 -3.29
C ILE B 106 3.99 17.94 -4.13
N LEU B 107 4.68 16.84 -3.94
CA LEU B 107 5.88 16.51 -4.72
C LEU B 107 5.60 15.41 -5.73
N LEU B 108 5.75 15.72 -7.01
CA LEU B 108 5.65 14.70 -8.06
C LEU B 108 7.00 14.03 -8.27
N SER B 109 7.02 12.71 -8.33
CA SER B 109 8.27 11.99 -8.57
C SER B 109 8.03 10.83 -9.53
N GLY B 110 9.03 9.96 -9.67
CA GLY B 110 9.04 8.97 -10.73
C GLY B 110 10.03 9.33 -11.82
N ARG B 111 9.74 8.85 -13.03
CA ARG B 111 10.61 8.97 -14.18
C ARG B 111 9.81 9.05 -15.46
N ALA B 112 10.33 9.74 -16.47
CA ALA B 112 9.70 9.72 -17.78
C ALA B 112 10.69 10.05 -18.87
N THR B 113 10.51 9.39 -20.02
CA THR B 113 11.31 9.65 -21.21
C THR B 113 11.10 11.09 -21.65
N MET B 114 12.20 11.84 -21.72
CA MET B 114 12.13 13.27 -22.05
C MET B 114 12.79 13.59 -23.40
N GLU B 115 13.98 13.06 -23.65
CA GLU B 115 14.67 13.40 -24.89
C GLU B 115 15.02 12.19 -25.76
N ILE B 116 14.78 12.37 -27.05
CA ILE B 116 15.03 11.35 -28.06
C ILE B 116 16.26 11.72 -28.88
N LEU B 117 17.29 10.88 -28.81
CA LEU B 117 18.50 11.09 -29.60
C LEU B 117 18.42 10.34 -30.92
N ASP B 118 18.41 11.11 -32.00
CA ASP B 118 18.45 10.56 -33.35
C ASP B 118 19.85 10.79 -33.89
N LYS B 119 20.61 9.72 -34.11
CA LYS B 119 21.95 9.84 -34.67
C LYS B 119 21.90 9.99 -36.18
N GLU B 120 20.92 9.35 -36.82
CA GLU B 120 20.83 9.37 -38.28
C GLU B 120 20.55 10.78 -38.77
N LYS B 121 19.39 11.34 -38.43
CA LYS B 121 19.22 12.78 -38.47
C LYS B 121 20.18 13.28 -37.41
N ASN B 122 20.61 14.54 -37.46
CA ASN B 122 21.49 15.03 -36.41
C ASN B 122 20.69 15.85 -35.42
N GLU B 123 19.62 15.25 -34.92
CA GLU B 123 18.60 15.98 -34.17
C GLU B 123 18.28 15.37 -32.81
N VAL B 124 17.81 16.25 -31.92
CA VAL B 124 17.30 15.86 -30.62
C VAL B 124 15.88 16.39 -30.48
N ILE B 125 14.97 15.53 -30.02
CA ILE B 125 13.63 15.94 -29.66
C ILE B 125 13.52 15.96 -28.15
N LYS B 126 13.05 17.06 -27.59
CA LYS B 126 12.81 17.15 -26.15
C LYS B 126 11.31 17.33 -25.90
N LEU B 127 10.81 16.62 -24.90
CA LEU B 127 9.39 16.60 -24.59
C LEU B 127 9.10 17.33 -23.28
N PRO B 128 7.92 17.97 -23.19
CA PRO B 128 7.54 18.77 -22.01
C PRO B 128 7.12 17.93 -20.81
N VAL B 129 8.03 17.13 -20.28
CA VAL B 129 7.71 16.19 -19.21
C VAL B 129 7.26 16.91 -17.94
N GLY B 130 8.10 17.80 -17.43
CA GLY B 130 7.83 18.45 -16.15
C GLY B 130 6.63 19.37 -16.17
N THR B 131 6.52 20.20 -17.20
CA THR B 131 5.40 21.12 -17.33
C THR B 131 4.08 20.36 -17.54
N THR B 132 4.12 19.28 -18.33
CA THR B 132 2.93 18.47 -18.55
C THR B 132 2.45 17.87 -17.22
N ALA B 133 3.40 17.36 -16.44
CA ALA B 133 3.10 16.74 -15.16
C ALA B 133 2.46 17.71 -14.18
N VAL B 134 3.07 18.88 -14.01
CA VAL B 134 2.59 19.86 -13.04
C VAL B 134 1.20 20.35 -13.43
N LYS B 135 0.99 20.58 -14.72
CA LYS B 135 -0.31 21.01 -15.21
C LYS B 135 -1.38 19.94 -14.98
N ALA B 136 -1.03 18.68 -15.26
CA ALA B 136 -1.98 17.58 -15.08
C ALA B 136 -2.39 17.43 -13.61
N ALA B 137 -1.41 17.54 -12.72
CA ALA B 137 -1.68 17.47 -11.29
C ALA B 137 -2.65 18.56 -10.85
N LYS B 138 -2.39 19.77 -11.32
CA LYS B 138 -3.21 20.92 -10.95
C LYS B 138 -4.64 20.79 -11.49
N GLU B 139 -4.76 20.36 -12.74
CA GLU B 139 -6.09 20.15 -13.32
C GLU B 139 -6.87 19.05 -12.59
N TYR B 140 -6.17 18.03 -12.11
CA TYR B 140 -6.85 16.96 -11.39
C TYR B 140 -7.40 17.50 -10.06
N LEU B 141 -6.57 18.23 -9.33
CA LEU B 141 -6.98 18.80 -8.05
C LEU B 141 -8.15 19.76 -8.23
N LYS B 142 -8.12 20.54 -9.31
CA LYS B 142 -9.18 21.49 -9.60
C LYS B 142 -10.50 20.76 -9.77
N LYS B 143 -10.47 19.66 -10.51
CA LYS B 143 -11.67 18.86 -10.77
C LYS B 143 -12.32 18.29 -9.53
N VAL B 144 -11.53 17.70 -8.63
CA VAL B 144 -12.11 16.90 -7.56
C VAL B 144 -12.25 17.67 -6.24
N LEU B 145 -11.46 18.73 -6.03
CA LEU B 145 -11.56 19.52 -4.81
C LEU B 145 -12.25 20.85 -5.05
N ARG B 146 -13.56 20.90 -4.80
CA ARG B 146 -14.39 22.08 -5.07
C ARG B 146 -13.96 23.33 -4.30
N ASN B 147 -13.50 23.15 -3.06
CA ASN B 147 -13.24 24.26 -2.17
C ASN B 147 -11.75 24.48 -1.90
N VAL B 148 -10.92 23.95 -2.79
CA VAL B 148 -9.49 24.25 -2.79
C VAL B 148 -9.19 25.18 -3.94
N ASP B 149 -8.60 26.34 -3.63
CA ASP B 149 -8.10 27.27 -4.63
C ASP B 149 -6.68 26.85 -5.00
N VAL B 150 -6.50 26.28 -6.18
CA VAL B 150 -5.23 25.65 -6.52
C VAL B 150 -4.13 26.68 -6.75
N ASP B 151 -4.51 27.94 -6.99
CA ASP B 151 -3.54 29.00 -7.12
C ASP B 151 -2.85 29.31 -5.80
N LYS B 152 -3.60 29.31 -4.70
CA LYS B 152 -3.06 29.76 -3.41
C LYS B 152 -2.94 28.68 -2.35
N ASP B 153 -3.74 27.62 -2.45
CA ASP B 153 -3.81 26.60 -1.40
C ASP B 153 -2.89 25.39 -1.64
N VAL B 154 -2.24 25.35 -2.80
CA VAL B 154 -1.39 24.21 -3.15
C VAL B 154 -0.08 24.64 -3.80
N ILE B 155 0.99 23.96 -3.44
CA ILE B 155 2.28 24.01 -4.12
C ILE B 155 2.54 22.69 -4.80
N ILE B 156 2.73 22.69 -6.12
CA ILE B 156 3.01 21.46 -6.86
C ILE B 156 4.44 21.48 -7.38
N ASP B 157 5.31 20.75 -6.70
CA ASP B 157 6.72 20.65 -7.07
C ASP B 157 6.95 19.35 -7.86
N CYS B 158 8.08 19.28 -8.56
CA CYS B 158 8.33 18.17 -9.48
C CYS B 158 9.79 17.75 -9.51
N ARG B 159 10.05 16.49 -9.17
CA ARG B 159 11.37 15.89 -9.27
C ARG B 159 11.32 14.60 -10.11
N ILE B 160 10.41 14.57 -11.07
CA ILE B 160 10.34 13.47 -12.03
C ILE B 160 11.64 13.42 -12.84
N GLY B 161 12.30 12.27 -12.82
CA GLY B 161 13.51 12.07 -13.60
C GLY B 161 13.23 12.20 -15.09
N GLN B 162 14.17 12.76 -15.82
CA GLN B 162 14.01 12.95 -17.27
C GLN B 162 15.07 12.17 -18.03
N GLY B 163 14.66 11.05 -18.59
CA GLY B 163 15.58 10.14 -19.24
C GLY B 163 15.69 10.39 -20.73
N SER B 164 16.69 9.76 -21.34
CA SER B 164 16.87 9.84 -22.79
C SER B 164 16.69 8.46 -23.44
N MET B 165 16.52 8.47 -24.75
CA MET B 165 16.16 7.26 -25.50
C MET B 165 16.64 7.41 -26.94
N ASP B 166 17.08 6.31 -27.55
CA ASP B 166 17.51 6.34 -28.95
C ASP B 166 16.29 6.33 -29.86
N ALA B 167 16.34 7.13 -30.93
CA ALA B 167 15.25 7.18 -31.89
C ALA B 167 14.95 5.81 -32.50
N VAL B 168 15.96 4.96 -32.60
CA VAL B 168 15.77 3.64 -33.19
C VAL B 168 14.87 2.79 -32.31
N ASP B 169 14.96 3.01 -30.99
CA ASP B 169 14.12 2.29 -30.05
C ASP B 169 12.70 2.87 -30.04
N VAL B 170 12.57 4.15 -30.39
CA VAL B 170 11.26 4.75 -30.57
C VAL B 170 10.59 4.12 -31.79
N PHE B 171 11.40 3.86 -32.83
CA PHE B 171 10.90 3.26 -34.07
C PHE B 171 10.32 1.88 -33.77
N GLU B 172 11.07 1.09 -33.01
CA GLU B 172 10.62 -0.23 -32.60
C GLU B 172 9.31 -0.15 -31.83
N ARG B 173 9.21 0.81 -30.92
CA ARG B 173 8.00 0.98 -30.11
C ARG B 173 6.80 1.39 -30.95
N GLN B 174 7.04 2.09 -32.05
CA GLN B 174 5.96 2.55 -32.90
C GLN B 174 5.29 1.40 -33.66
N LYS B 175 5.90 0.22 -33.61
CA LYS B 175 5.27 -0.97 -34.16
C LYS B 175 4.05 -1.33 -33.34
N ASN B 176 4.05 -0.94 -32.07
CA ASN B 176 2.94 -1.18 -31.17
C ASN B 176 2.54 -2.65 -31.13
N GLU B 177 3.56 -3.51 -31.17
CA GLU B 177 3.35 -4.94 -31.00
C GLU B 177 3.02 -5.21 -29.55
N VAL B 178 2.47 -6.39 -29.27
CA VAL B 178 2.13 -6.75 -27.91
C VAL B 178 3.42 -6.82 -27.10
N PRO B 179 3.49 -6.11 -25.97
CA PRO B 179 4.74 -6.11 -25.21
C PRO B 179 5.11 -7.46 -24.63
N LEU B 180 6.40 -7.71 -24.48
CA LEU B 180 6.86 -8.89 -23.76
C LEU B 180 6.90 -8.61 -22.27
N ALA B 181 6.55 -9.64 -21.50
CA ALA B 181 6.72 -9.57 -20.06
C ALA B 181 8.21 -9.60 -19.76
N ASN B 182 8.64 -8.69 -18.88
CA ASN B 182 10.04 -8.57 -18.52
C ASN B 182 10.30 -9.22 -17.17
N ASP B 183 9.36 -10.04 -16.73
CA ASP B 183 9.29 -10.40 -15.33
C ASP B 183 8.27 -11.51 -15.06
N THR B 184 8.29 -12.04 -13.84
CA THR B 184 7.22 -12.88 -13.34
C THR B 184 6.37 -12.04 -12.39
N SER B 185 5.27 -11.50 -12.92
CA SER B 185 4.39 -10.62 -12.15
C SER B 185 2.99 -11.20 -12.01
N PHE B 186 2.24 -10.68 -11.05
CA PHE B 186 1.01 -11.30 -10.57
C PHE B 186 -0.11 -10.27 -10.42
N GLY B 187 -1.31 -10.64 -10.86
CA GLY B 187 -2.50 -9.85 -10.65
C GLY B 187 -3.63 -10.72 -10.14
N VAL B 188 -4.51 -10.16 -9.33
CA VAL B 188 -5.65 -10.91 -8.80
C VAL B 188 -6.87 -10.01 -8.73
N GLY B 189 -8.02 -10.60 -9.04
CA GLY B 189 -9.29 -9.89 -9.05
C GLY B 189 -10.42 -10.85 -8.74
N TYR B 190 -11.61 -10.28 -8.49
CA TYR B 190 -12.75 -11.11 -8.12
C TYR B 190 -14.06 -10.40 -8.45
N ALA B 191 -15.14 -11.16 -8.45
CA ALA B 191 -16.48 -10.63 -8.71
C ALA B 191 -17.51 -11.70 -8.34
N PRO B 192 -18.75 -11.28 -8.01
CA PRO B 192 -19.23 -9.90 -7.90
C PRO B 192 -18.85 -9.26 -6.58
N LEU B 193 -19.15 -7.97 -6.44
CA LEU B 193 -19.05 -7.33 -5.13
C LEU B 193 -20.16 -7.84 -4.22
N SER B 194 -19.83 -8.07 -2.96
CA SER B 194 -20.81 -8.38 -1.94
C SER B 194 -21.70 -7.17 -1.66
N THR B 195 -22.77 -7.40 -0.90
CA THR B 195 -23.64 -6.31 -0.47
C THR B 195 -22.85 -5.25 0.31
N THR B 196 -22.00 -5.70 1.22
CA THR B 196 -21.22 -4.79 2.07
C THR B 196 -20.23 -3.99 1.23
N GLU B 197 -19.57 -4.68 0.31
CA GLU B 197 -18.63 -4.04 -0.59
C GLU B 197 -19.33 -2.97 -1.42
N ARG B 198 -20.46 -3.35 -2.02
CA ARG B 198 -21.22 -2.43 -2.84
C ARG B 198 -21.74 -1.23 -2.03
N LEU B 199 -22.13 -1.48 -0.79
CA LEU B 199 -22.67 -0.40 0.05
C LEU B 199 -21.59 0.63 0.39
N VAL B 200 -20.39 0.15 0.72
CA VAL B 200 -19.27 1.01 1.05
C VAL B 200 -18.86 1.84 -0.16
N LEU B 201 -18.75 1.16 -1.30
CA LEU B 201 -18.34 1.81 -2.54
C LEU B 201 -19.31 2.91 -2.96
N GLU B 202 -20.59 2.56 -2.97
CA GLU B 202 -21.62 3.48 -3.44
C GLU B 202 -21.93 4.58 -2.43
N THR B 203 -21.66 4.35 -1.14
CA THR B 203 -21.84 5.40 -0.15
C THR B 203 -20.86 6.54 -0.44
N GLU B 204 -19.59 6.20 -0.64
CA GLU B 204 -18.58 7.21 -0.95
C GLU B 204 -18.88 7.89 -2.28
N ARG B 205 -19.23 7.10 -3.29
CA ARG B 205 -19.51 7.63 -4.61
C ARG B 205 -20.67 8.61 -4.58
N PHE B 206 -21.71 8.25 -3.84
CA PHE B 206 -22.88 9.13 -3.72
C PHE B 206 -22.54 10.42 -2.99
N LEU B 207 -21.81 10.32 -1.89
CA LEU B 207 -21.51 11.51 -1.09
C LEU B 207 -20.57 12.46 -1.80
N ASN B 208 -19.83 11.96 -2.79
CA ASN B 208 -18.95 12.80 -3.60
C ASN B 208 -19.49 13.09 -5.00
N SER B 209 -20.77 12.77 -5.23
CA SER B 209 -21.41 13.08 -6.51
C SER B 209 -21.84 14.54 -6.57
N ASP B 210 -21.82 15.11 -7.77
CA ASP B 210 -22.25 16.50 -7.95
C ASP B 210 -23.66 16.74 -7.44
N GLU B 211 -24.51 15.73 -7.59
CA GLU B 211 -25.91 15.87 -7.21
C GLU B 211 -26.05 16.09 -5.72
N LEU B 212 -25.31 15.34 -4.91
CA LEU B 212 -25.38 15.55 -3.47
C LEU B 212 -24.73 16.88 -3.11
N LYS B 213 -23.56 17.16 -3.68
CA LYS B 213 -22.84 18.39 -3.35
C LYS B 213 -23.74 19.61 -3.52
N ASN B 214 -24.46 19.64 -4.64
CA ASN B 214 -25.32 20.78 -4.96
C ASN B 214 -26.44 20.96 -3.95
N GLU B 215 -26.83 19.86 -3.29
CA GLU B 215 -27.90 19.92 -2.31
C GLU B 215 -27.36 20.18 -0.91
N ILE B 216 -26.14 19.72 -0.66
CA ILE B 216 -25.50 19.89 0.65
C ILE B 216 -24.04 20.29 0.45
N PRO B 217 -23.79 21.57 0.09
CA PRO B 217 -22.44 22.02 -0.24
C PRO B 217 -21.43 21.87 0.90
N ALA B 218 -21.92 21.70 2.13
CA ALA B 218 -21.04 21.57 3.28
C ALA B 218 -20.25 20.25 3.28
N VAL B 219 -20.66 19.29 2.46
CA VAL B 219 -19.98 18.00 2.45
C VAL B 219 -18.70 18.08 1.61
N GLY B 220 -17.57 17.94 2.28
CA GLY B 220 -16.28 17.95 1.61
C GLY B 220 -16.00 16.66 0.87
N GLU B 221 -14.83 16.59 0.23
CA GLU B 221 -14.50 15.42 -0.58
C GLU B 221 -13.64 14.39 0.15
N ASP B 222 -13.06 14.80 1.27
CA ASP B 222 -12.31 13.86 2.10
C ASP B 222 -13.30 13.02 2.89
N ILE B 223 -13.67 11.89 2.30
CA ILE B 223 -14.63 10.98 2.89
C ILE B 223 -14.01 9.58 2.97
N LYS B 224 -14.14 8.96 4.13
CA LYS B 224 -13.67 7.60 4.34
C LYS B 224 -14.84 6.78 4.88
N VAL B 225 -15.05 5.60 4.31
CA VAL B 225 -16.17 4.75 4.70
C VAL B 225 -15.67 3.38 5.11
N MET B 226 -16.03 2.97 6.32
CA MET B 226 -15.73 1.64 6.82
C MET B 226 -17.03 0.84 6.98
N GLY B 227 -17.04 -0.38 6.43
CA GLY B 227 -18.17 -1.27 6.58
C GLY B 227 -17.80 -2.52 7.35
N LEU B 228 -18.52 -2.77 8.44
CA LEU B 228 -18.41 -4.02 9.18
C LEU B 228 -19.71 -4.80 9.06
N ARG B 229 -19.64 -6.02 8.56
CA ARG B 229 -20.82 -6.89 8.58
C ARG B 229 -20.67 -7.95 9.65
N GLU B 230 -21.69 -8.05 10.50
CA GLU B 230 -21.79 -9.11 11.47
C GLU B 230 -23.11 -9.83 11.21
N GLY B 231 -23.02 -11.00 10.59
CA GLY B 231 -24.22 -11.71 10.17
C GLY B 231 -24.93 -10.95 9.06
N LYS B 232 -26.09 -10.40 9.39
CA LYS B 232 -26.86 -9.59 8.46
C LYS B 232 -26.96 -8.15 8.93
N LYS B 233 -26.08 -7.77 9.86
CA LYS B 233 -26.00 -6.39 10.32
C LYS B 233 -24.76 -5.74 9.74
N ILE B 234 -24.95 -4.63 9.05
CA ILE B 234 -23.85 -3.84 8.51
C ILE B 234 -23.75 -2.52 9.26
N THR B 235 -22.61 -2.31 9.91
CA THR B 235 -22.33 -1.02 10.53
C THR B 235 -21.46 -0.22 9.58
N LEU B 236 -21.96 0.94 9.17
CA LEU B 236 -21.22 1.87 8.32
C LEU B 236 -20.67 2.99 9.18
N THR B 237 -19.37 3.18 9.15
CA THR B 237 -18.74 4.31 9.83
C THR B 237 -18.16 5.24 8.78
N ILE B 238 -18.60 6.50 8.81
CA ILE B 238 -18.24 7.48 7.79
C ILE B 238 -17.46 8.63 8.43
N ALA B 239 -16.27 8.89 7.90
CA ALA B 239 -15.53 10.13 8.20
C ALA B 239 -15.80 11.11 7.07
N MET B 240 -16.23 12.31 7.40
CA MET B 240 -16.71 13.24 6.39
C MET B 240 -16.30 14.66 6.74
N ALA B 241 -15.34 15.20 5.99
CA ALA B 241 -14.90 16.59 6.20
C ALA B 241 -16.01 17.57 5.84
N VAL B 242 -16.31 18.46 6.78
CA VAL B 242 -17.33 19.48 6.56
C VAL B 242 -16.65 20.81 6.23
N VAL B 243 -17.18 21.50 5.22
CA VAL B 243 -16.60 22.75 4.74
C VAL B 243 -17.15 23.94 5.53
N ASP B 244 -16.30 24.64 6.25
CA ASP B 244 -16.78 25.50 7.33
C ASP B 244 -17.47 26.79 6.86
N ARG B 245 -17.32 27.18 5.60
CA ARG B 245 -18.01 28.38 5.13
C ARG B 245 -19.52 28.13 4.99
N TYR B 246 -19.93 26.87 5.02
CA TYR B 246 -21.34 26.52 4.83
C TYR B 246 -22.07 26.14 6.12
N VAL B 247 -21.36 26.19 7.26
CA VAL B 247 -21.99 25.97 8.56
C VAL B 247 -21.64 27.13 9.50
N LYS B 248 -22.66 27.87 9.93
CA LYS B 248 -22.42 29.11 10.68
C LYS B 248 -22.27 28.86 12.18
N ASN B 249 -22.67 27.68 12.64
CA ASN B 249 -22.58 27.34 14.05
C ASN B 249 -22.73 25.83 14.25
N ILE B 250 -22.56 25.37 15.48
CA ILE B 250 -22.60 23.93 15.77
C ILE B 250 -23.95 23.34 15.41
N GLU B 251 -25.01 24.14 15.53
CA GLU B 251 -26.35 23.69 15.18
C GLU B 251 -26.41 23.33 13.70
N GLU B 252 -25.87 24.19 12.85
CA GLU B 252 -25.89 23.93 11.41
C GLU B 252 -24.96 22.76 11.05
N TYR B 253 -23.92 22.53 11.86
CA TYR B 253 -23.05 21.38 11.66
C TYR B 253 -23.84 20.09 11.89
N LYS B 254 -24.51 20.02 13.05
CA LYS B 254 -25.34 18.86 13.38
C LYS B 254 -26.37 18.57 12.30
N GLU B 255 -27.04 19.62 11.83
CA GLU B 255 -28.02 19.49 10.75
C GLU B 255 -27.42 18.84 9.52
N VAL B 256 -26.17 19.19 9.19
CA VAL B 256 -25.50 18.60 8.04
C VAL B 256 -25.30 17.10 8.26
N ILE B 257 -24.89 16.72 9.47
CA ILE B 257 -24.68 15.32 9.79
C ILE B 257 -25.97 14.53 9.63
N GLU B 258 -27.04 15.05 10.22
CA GLU B 258 -28.32 14.36 10.20
C GLU B 258 -28.91 14.30 8.79
N LYS B 259 -28.66 15.34 8.00
CA LYS B 259 -29.14 15.36 6.62
C LYS B 259 -28.45 14.25 5.81
N VAL B 260 -27.15 14.09 6.06
CA VAL B 260 -26.37 13.06 5.38
C VAL B 260 -26.80 11.66 5.85
N ARG B 261 -26.98 11.53 7.17
CA ARG B 261 -27.39 10.26 7.78
C ARG B 261 -28.65 9.72 7.10
N LYS B 262 -29.59 10.62 6.81
CA LYS B 262 -30.86 10.24 6.17
C LYS B 262 -30.66 9.81 4.72
N LYS B 263 -29.80 10.52 4.01
CA LYS B 263 -29.47 10.17 2.64
C LYS B 263 -28.89 8.77 2.57
N VAL B 264 -28.01 8.46 3.53
CA VAL B 264 -27.30 7.20 3.52
C VAL B 264 -28.27 6.09 3.94
N GLU B 265 -29.21 6.41 4.82
CA GLU B 265 -30.28 5.48 5.18
C GLU B 265 -31.08 5.08 3.95
N ASP B 266 -31.42 6.07 3.12
CA ASP B 266 -32.19 5.83 1.91
C ASP B 266 -31.38 5.01 0.90
N LEU B 267 -30.08 5.26 0.83
CA LEU B 267 -29.22 4.47 -0.06
C LEU B 267 -29.17 3.02 0.40
N ALA B 268 -29.08 2.81 1.71
CA ALA B 268 -29.00 1.46 2.27
C ALA B 268 -30.28 0.68 1.99
N LYS B 269 -31.41 1.38 2.04
CA LYS B 269 -32.69 0.77 1.71
C LYS B 269 -32.70 0.35 0.24
N LYS B 270 -32.05 1.16 -0.60
CA LYS B 270 -32.04 0.91 -2.04
C LYS B 270 -31.18 -0.30 -2.45
N ILE B 271 -30.01 -0.46 -1.84
CA ILE B 271 -29.05 -1.46 -2.33
C ILE B 271 -28.63 -2.50 -1.29
N ALA B 272 -29.08 -2.35 -0.05
CA ALA B 272 -28.88 -3.37 0.97
C ALA B 272 -30.17 -3.64 1.73
N ASP B 273 -31.26 -3.72 0.98
CA ASP B 273 -32.55 -4.10 1.56
C ASP B 273 -32.44 -5.54 2.03
N GLY B 274 -32.81 -5.79 3.29
CA GLY B 274 -32.74 -7.13 3.85
C GLY B 274 -31.63 -7.24 4.87
N TYR B 275 -30.83 -6.18 4.99
CA TYR B 275 -29.81 -6.11 6.02
C TYR B 275 -30.19 -5.04 7.01
N GLU B 276 -29.78 -5.22 8.24
CA GLU B 276 -29.92 -4.17 9.24
C GLU B 276 -28.72 -3.25 9.09
N VAL B 277 -28.97 -1.98 8.82
CA VAL B 277 -27.87 -1.03 8.63
C VAL B 277 -27.88 0.04 9.71
N GLU B 278 -26.70 0.25 10.26
CA GLU B 278 -26.47 1.18 11.36
C GLU B 278 -25.41 2.14 10.87
N ILE B 279 -25.69 3.44 10.95
CA ILE B 279 -24.84 4.46 10.36
C ILE B 279 -24.26 5.37 11.43
N HIS B 280 -22.94 5.53 11.40
CA HIS B 280 -22.23 6.40 12.33
C HIS B 280 -21.39 7.39 11.53
N ILE B 281 -21.49 8.67 11.89
CA ILE B 281 -20.80 9.72 11.14
C ILE B 281 -19.95 10.58 12.05
N ASN B 282 -18.70 10.79 11.65
CA ASN B 282 -17.74 11.61 12.38
C ASN B 282 -17.77 11.31 13.88
N THR B 283 -17.41 10.08 14.22
CA THR B 283 -17.63 9.54 15.56
C THR B 283 -16.65 10.06 16.60
N ALA B 284 -15.67 10.86 16.19
CA ALA B 284 -14.72 11.44 17.13
C ALA B 284 -15.16 12.84 17.58
N ASP B 285 -16.26 13.32 17.02
CA ASP B 285 -16.83 14.60 17.41
C ASP B 285 -17.19 14.66 18.88
N ASP B 286 -17.19 15.88 19.41
CA ASP B 286 -17.72 16.18 20.73
C ASP B 286 -18.53 17.48 20.61
N TYR B 287 -19.79 17.34 20.22
CA TYR B 287 -20.65 18.46 19.84
C TYR B 287 -20.65 19.59 20.86
N GLU B 288 -20.56 19.24 22.12
CA GLU B 288 -20.80 20.18 23.19
C GLU B 288 -19.54 21.00 23.46
N ARG B 289 -18.38 20.37 23.28
CA ARG B 289 -17.10 21.08 23.31
C ARG B 289 -16.79 21.75 21.96
N GLU B 290 -17.65 21.50 20.97
CA GLU B 290 -17.42 21.98 19.60
C GLU B 290 -16.06 21.54 19.07
N SER B 291 -15.66 20.31 19.41
CA SER B 291 -14.53 19.67 18.78
C SER B 291 -15.05 18.76 17.68
N VAL B 292 -15.15 19.30 16.47
CA VAL B 292 -15.79 18.60 15.36
C VAL B 292 -14.93 18.65 14.10
N TYR B 293 -15.35 17.90 13.09
CA TYR B 293 -14.58 17.73 11.87
C TYR B 293 -14.86 18.88 10.91
N LEU B 294 -14.39 20.07 11.28
CA LEU B 294 -14.47 21.25 10.42
C LEU B 294 -13.19 21.41 9.62
N THR B 295 -13.36 21.76 8.34
CA THR B 295 -12.23 22.09 7.49
C THR B 295 -12.52 23.36 6.69
N VAL B 296 -11.46 24.00 6.25
CA VAL B 296 -11.59 25.18 5.40
C VAL B 296 -11.86 24.75 3.97
N THR B 297 -11.21 23.67 3.55
CA THR B 297 -11.15 23.29 2.14
C THR B 297 -11.92 22.01 1.79
N GLY B 298 -12.36 21.29 2.82
CA GLY B 298 -13.08 20.04 2.59
C GLY B 298 -12.18 18.82 2.52
N THR B 299 -10.90 18.99 2.81
CA THR B 299 -10.00 17.87 2.96
C THR B 299 -9.01 18.05 4.12
N SER B 300 -8.74 16.97 4.83
CA SER B 300 -7.81 17.01 5.95
C SER B 300 -6.36 17.13 5.46
N ALA B 301 -6.19 17.11 4.13
CA ALA B 301 -4.91 17.44 3.53
C ALA B 301 -4.48 18.85 3.90
N GLU B 302 -5.44 19.69 4.27
CA GLU B 302 -5.14 21.09 4.59
C GLU B 302 -4.33 21.23 5.88
N MET B 303 -4.35 20.22 6.73
CA MET B 303 -3.56 20.26 7.97
C MET B 303 -3.47 18.96 8.75
N GLY B 304 -4.60 18.29 8.89
CA GLY B 304 -4.69 17.11 9.77
C GLY B 304 -3.92 15.88 9.32
N ASP B 305 -3.75 15.71 8.01
CA ASP B 305 -3.18 14.47 7.51
C ASP B 305 -2.34 14.65 6.24
N ASP B 306 -1.52 13.64 6.00
CA ASP B 306 -0.59 13.57 4.89
C ASP B 306 -0.96 12.40 4.01
N GLY B 307 -0.41 12.33 2.80
CA GLY B 307 -0.65 11.21 1.91
C GLY B 307 0.51 10.84 0.99
N SER B 308 0.43 9.63 0.45
CA SER B 308 1.31 9.20 -0.63
C SER B 308 0.66 8.03 -1.37
N VAL B 309 1.37 7.50 -2.38
CA VAL B 309 0.77 6.56 -3.33
C VAL B 309 0.74 5.12 -2.83
N GLY B 310 -0.29 4.38 -3.23
CA GLY B 310 -0.34 2.95 -3.01
C GLY B 310 -0.68 2.49 -1.60
N ARG B 311 -1.27 3.39 -0.81
CA ARG B 311 -1.62 3.09 0.57
C ARG B 311 -3.11 3.03 0.81
N GLY B 312 -3.88 2.95 -0.27
CA GLY B 312 -5.32 3.03 -0.17
C GLY B 312 -6.01 1.94 -0.95
N ASN B 313 -7.04 2.33 -1.70
CA ASN B 313 -7.86 1.40 -2.44
C ASN B 313 -7.07 0.63 -3.47
N ARG B 314 -7.51 -0.61 -3.71
CA ARG B 314 -7.01 -1.42 -4.80
C ARG B 314 -7.73 -0.96 -6.07
N VAL B 315 -7.42 -1.56 -7.21
CA VAL B 315 -7.98 -1.06 -8.47
C VAL B 315 -9.50 -1.17 -8.56
N ASN B 316 -10.11 -2.03 -7.73
CA ASN B 316 -11.57 -2.11 -7.68
C ASN B 316 -12.21 -1.04 -6.80
N GLY B 317 -11.39 -0.19 -6.20
CA GLY B 317 -11.89 0.91 -5.39
C GLY B 317 -12.07 0.61 -3.92
N LEU B 318 -11.60 -0.56 -3.47
CA LEU B 318 -11.85 -1.00 -2.09
C LEU B 318 -10.62 -1.58 -1.41
N ILE B 319 -10.69 -1.61 -0.08
CA ILE B 319 -9.71 -2.28 0.77
C ILE B 319 -10.44 -3.42 1.47
N THR B 320 -10.00 -4.65 1.22
CA THR B 320 -10.80 -5.84 1.52
C THR B 320 -9.98 -6.98 2.13
N PRO B 321 -9.87 -7.02 3.46
CA PRO B 321 -9.02 -8.05 4.09
C PRO B 321 -9.66 -9.45 4.11
N PHE B 322 -10.85 -9.59 3.55
CA PHE B 322 -11.48 -10.92 3.38
C PHE B 322 -11.43 -11.37 1.92
N ARG B 323 -10.73 -10.59 1.10
CA ARG B 323 -10.49 -10.95 -0.29
C ARG B 323 -8.97 -10.93 -0.54
N PRO B 324 -8.51 -11.66 -1.57
CA PRO B 324 -7.09 -11.53 -1.89
C PRO B 324 -6.75 -10.15 -2.47
N MET B 325 -5.66 -9.56 -2.00
CA MET B 325 -5.22 -8.25 -2.45
C MET B 325 -3.76 -8.25 -2.87
N SER B 326 -3.46 -7.52 -3.93
CA SER B 326 -2.09 -7.24 -4.34
C SER B 326 -1.61 -5.96 -3.66
N MET B 327 -0.33 -5.91 -3.30
CA MET B 327 0.28 -4.75 -2.63
C MET B 327 0.81 -3.73 -3.62
N GLU B 328 0.88 -4.10 -4.89
CA GLU B 328 1.37 -3.20 -5.92
C GLU B 328 0.50 -1.96 -6.07
N ALA B 329 1.13 -0.81 -6.26
CA ALA B 329 0.40 0.42 -6.54
C ALA B 329 0.22 0.60 -8.03
N ALA B 330 -1.01 0.41 -8.51
CA ALA B 330 -1.28 0.50 -9.95
C ALA B 330 -1.15 1.93 -10.48
N SER B 331 -1.49 2.90 -9.63
CA SER B 331 -1.60 4.28 -10.06
C SER B 331 -0.25 4.87 -10.45
N GLY B 332 -0.16 5.35 -11.69
CA GLY B 332 1.04 5.99 -12.20
C GLY B 332 2.00 5.08 -12.93
N LYS B 333 1.71 3.78 -12.95
CA LYS B 333 2.59 2.84 -13.66
C LYS B 333 2.29 2.90 -15.16
N ASN B 334 3.29 2.54 -15.97
CA ASN B 334 3.15 2.58 -17.43
C ASN B 334 2.08 1.62 -17.92
N PRO B 335 1.02 2.12 -18.58
CA PRO B 335 -0.05 1.18 -18.94
C PRO B 335 0.30 0.31 -20.16
N VAL B 336 1.48 0.54 -20.73
CA VAL B 336 1.86 -0.09 -21.97
C VAL B 336 2.87 -1.22 -21.78
N ASN B 337 3.54 -1.23 -20.63
CA ASN B 337 4.60 -2.21 -20.38
C ASN B 337 4.64 -2.75 -18.95
N HIS B 338 3.95 -2.11 -18.01
CA HIS B 338 4.00 -2.62 -16.64
C HIS B 338 3.00 -3.74 -16.46
N VAL B 339 3.53 -4.96 -16.36
CA VAL B 339 2.72 -6.17 -16.33
C VAL B 339 1.82 -6.22 -15.11
N GLY B 340 2.37 -5.89 -13.94
CA GLY B 340 1.61 -5.85 -12.70
C GLY B 340 0.36 -4.99 -12.77
N LYS B 341 0.51 -3.76 -13.25
CA LYS B 341 -0.65 -2.89 -13.41
C LYS B 341 -1.69 -3.48 -14.35
N ILE B 342 -1.22 -3.95 -15.51
CA ILE B 342 -2.11 -4.43 -16.54
C ILE B 342 -2.84 -5.69 -16.05
N TYR B 343 -2.13 -6.54 -15.32
CA TYR B 343 -2.72 -7.81 -14.87
C TYR B 343 -3.73 -7.62 -13.75
N ASN B 344 -3.51 -6.66 -12.86
CA ASN B 344 -4.46 -6.45 -11.77
C ASN B 344 -5.73 -5.83 -12.31
N ILE B 345 -5.61 -4.95 -13.28
CA ILE B 345 -6.78 -4.40 -13.96
C ILE B 345 -7.48 -5.50 -14.78
N LEU B 346 -6.72 -6.23 -15.57
CA LEU B 346 -7.28 -7.29 -16.42
C LEU B 346 -8.00 -8.38 -15.61
N ALA B 347 -7.41 -8.78 -14.48
CA ALA B 347 -8.01 -9.79 -13.62
C ALA B 347 -9.39 -9.33 -13.12
N ASN B 348 -9.47 -8.04 -12.78
CA ASN B 348 -10.73 -7.45 -12.36
C ASN B 348 -11.77 -7.47 -13.48
N LEU B 349 -11.34 -7.14 -14.69
CA LEU B 349 -12.24 -7.06 -15.84
C LEU B 349 -12.76 -8.45 -16.23
N ILE B 350 -11.86 -9.42 -16.26
CA ILE B 350 -12.24 -10.80 -16.56
C ILE B 350 -13.20 -11.36 -15.51
N ALA B 351 -12.87 -11.17 -14.24
CA ALA B 351 -13.72 -11.69 -13.15
C ALA B 351 -15.11 -11.11 -13.23
N ASN B 352 -15.19 -9.81 -13.50
CA ASN B 352 -16.47 -9.11 -13.62
C ASN B 352 -17.37 -9.73 -14.69
N ASP B 353 -16.79 -10.13 -15.81
CA ASP B 353 -17.58 -10.68 -16.92
C ASP B 353 -17.98 -12.13 -16.64
N ILE B 354 -17.12 -12.86 -15.96
CA ILE B 354 -17.39 -14.27 -15.64
C ILE B 354 -18.50 -14.36 -14.60
N ALA B 355 -18.53 -13.39 -13.68
CA ALA B 355 -19.55 -13.35 -12.64
C ALA B 355 -20.94 -13.08 -13.22
N LYS B 356 -21.01 -12.61 -14.46
CA LYS B 356 -22.28 -12.33 -15.11
C LYS B 356 -22.86 -13.59 -15.73
N LEU B 357 -22.03 -14.61 -15.86
CA LEU B 357 -22.50 -15.88 -16.39
C LEU B 357 -23.51 -16.52 -15.46
N GLU B 358 -24.55 -17.05 -16.07
CA GLU B 358 -25.49 -17.92 -15.41
C GLU B 358 -24.77 -19.03 -14.65
N GLY B 359 -25.08 -19.18 -13.37
CA GLY B 359 -24.53 -20.27 -12.58
C GLY B 359 -23.31 -19.91 -11.74
N VAL B 360 -22.72 -18.74 -11.97
CA VAL B 360 -21.56 -18.32 -11.20
C VAL B 360 -22.00 -17.50 -9.99
N LYS B 361 -21.71 -18.02 -8.80
CA LYS B 361 -22.01 -17.29 -7.57
C LYS B 361 -20.87 -16.32 -7.22
N GLU B 362 -19.65 -16.76 -7.49
CA GLU B 362 -18.44 -16.08 -7.04
C GLU B 362 -17.27 -16.52 -7.92
N CYS B 363 -16.33 -15.62 -8.16
CA CYS B 363 -15.28 -15.84 -9.14
C CYS B 363 -13.99 -15.19 -8.66
N TYR B 364 -12.87 -15.91 -8.71
CA TYR B 364 -11.55 -15.33 -8.51
C TYR B 364 -10.68 -15.58 -9.74
N VAL B 365 -9.97 -14.53 -10.16
CA VAL B 365 -9.08 -14.63 -11.31
C VAL B 365 -7.67 -14.22 -10.90
N ARG B 366 -6.72 -15.13 -11.09
CA ARG B 366 -5.31 -14.87 -10.85
C ARG B 366 -4.52 -15.03 -12.15
N ILE B 367 -3.59 -14.11 -12.41
CA ILE B 367 -2.79 -14.13 -13.63
C ILE B 367 -1.31 -14.01 -13.29
N LEU B 368 -0.49 -14.85 -13.92
CA LEU B 368 0.94 -14.89 -13.65
C LEU B 368 1.69 -14.85 -14.97
N SER B 369 2.58 -13.88 -15.13
CA SER B 369 3.25 -13.67 -16.41
C SER B 369 4.37 -14.67 -16.68
N GLN B 370 4.64 -14.89 -17.97
CA GLN B 370 5.77 -15.66 -18.44
C GLN B 370 6.82 -14.70 -19.01
N ALA B 371 7.91 -14.52 -18.27
CA ALA B 371 8.98 -13.63 -18.69
C ALA B 371 9.52 -14.06 -20.05
N GLY B 372 9.69 -13.09 -20.94
CA GLY B 372 10.16 -13.36 -22.29
C GLY B 372 9.03 -13.62 -23.26
N LYS B 373 7.81 -13.75 -22.73
CA LYS B 373 6.63 -14.02 -23.56
C LYS B 373 5.68 -12.83 -23.54
N PRO B 374 4.89 -12.67 -24.62
CA PRO B 374 3.87 -11.61 -24.64
C PRO B 374 3.01 -11.63 -23.40
N ILE B 375 2.56 -10.45 -22.99
CA ILE B 375 1.81 -10.32 -21.76
C ILE B 375 0.43 -10.98 -21.82
N ASN B 376 -0.09 -11.20 -23.04
CA ASN B 376 -1.35 -11.93 -23.20
C ASN B 376 -1.11 -13.42 -23.48
N GLU B 377 0.09 -13.89 -23.14
CA GLU B 377 0.40 -15.30 -23.13
C GLU B 377 0.98 -15.68 -21.77
N PRO B 378 0.15 -15.58 -20.72
CA PRO B 378 0.63 -15.78 -19.34
C PRO B 378 1.10 -17.19 -19.04
N LYS B 379 1.97 -17.30 -18.05
CA LYS B 379 2.42 -18.59 -17.54
C LYS B 379 1.23 -19.38 -17.01
N ALA B 380 0.33 -18.68 -16.34
CA ALA B 380 -0.88 -19.28 -15.81
C ALA B 380 -1.96 -18.23 -15.64
N LEU B 381 -3.19 -18.60 -15.96
CA LEU B 381 -4.35 -17.79 -15.64
C LEU B 381 -5.37 -18.73 -15.00
N ASP B 382 -5.58 -18.52 -13.71
CA ASP B 382 -6.34 -19.42 -12.87
C ASP B 382 -7.70 -18.81 -12.57
N ILE B 383 -8.75 -19.57 -12.89
CA ILE B 383 -10.13 -19.13 -12.65
C ILE B 383 -10.79 -20.05 -11.64
N GLU B 384 -11.10 -19.51 -10.46
CA GLU B 384 -11.81 -20.24 -9.41
C GLU B 384 -13.28 -19.81 -9.37
N ILE B 385 -14.19 -20.77 -9.47
CA ILE B 385 -15.62 -20.46 -9.53
C ILE B 385 -16.40 -21.21 -8.48
N ILE B 386 -17.14 -20.47 -7.64
CA ILE B 386 -18.16 -21.08 -6.79
C ILE B 386 -19.46 -21.12 -7.59
N THR B 387 -19.95 -22.34 -7.85
CA THR B 387 -21.15 -22.52 -8.64
C THR B 387 -22.42 -22.34 -7.80
N GLU B 388 -23.47 -21.88 -8.46
CA GLU B 388 -24.81 -21.88 -7.88
C GLU B 388 -25.32 -23.31 -7.79
N ASP B 389 -26.30 -23.54 -6.92
CA ASP B 389 -26.90 -24.86 -6.79
C ASP B 389 -27.48 -25.34 -8.13
N SER B 390 -27.17 -26.60 -8.44
CA SER B 390 -27.66 -27.30 -9.63
C SER B 390 -26.96 -26.90 -10.93
N TYR B 391 -25.86 -26.15 -10.82
CA TYR B 391 -25.02 -25.89 -11.98
C TYR B 391 -23.76 -26.74 -11.97
N ASP B 392 -23.39 -27.23 -13.15
CA ASP B 392 -22.19 -28.01 -13.36
C ASP B 392 -21.06 -27.10 -13.83
N ILE B 393 -19.95 -27.11 -13.11
CA ILE B 393 -18.77 -26.31 -13.46
C ILE B 393 -18.41 -26.55 -14.94
N LYS B 394 -18.67 -27.75 -15.43
CA LYS B 394 -18.24 -28.09 -16.78
C LYS B 394 -19.11 -27.44 -17.86
N ASP B 395 -20.31 -27.00 -17.50
CA ASP B 395 -21.14 -26.23 -18.43
C ASP B 395 -20.69 -24.77 -18.47
N ILE B 396 -20.16 -24.29 -17.35
CA ILE B 396 -19.73 -22.90 -17.24
C ILE B 396 -18.34 -22.68 -17.84
N GLU B 397 -17.48 -23.69 -17.69
CA GLU B 397 -16.07 -23.58 -18.07
C GLU B 397 -15.79 -23.05 -19.48
N PRO B 398 -16.45 -23.60 -20.51
CA PRO B 398 -16.19 -23.12 -21.87
C PRO B 398 -16.47 -21.62 -22.02
N LYS B 399 -17.57 -21.16 -21.45
CA LYS B 399 -17.95 -19.75 -21.51
C LYS B 399 -16.93 -18.89 -20.76
N ALA B 400 -16.47 -19.37 -19.61
CA ALA B 400 -15.49 -18.66 -18.81
C ALA B 400 -14.15 -18.55 -19.53
N LYS B 401 -13.71 -19.64 -20.17
CA LYS B 401 -12.45 -19.62 -20.89
C LYS B 401 -12.52 -18.70 -22.11
N GLU B 402 -13.70 -18.66 -22.72
CA GLU B 402 -13.93 -17.78 -23.87
C GLU B 402 -13.80 -16.32 -23.47
N ILE B 403 -14.36 -15.96 -22.32
CA ILE B 403 -14.26 -14.59 -21.81
C ILE B 403 -12.80 -14.21 -21.55
N ALA B 404 -12.06 -15.09 -20.89
CA ALA B 404 -10.66 -14.83 -20.56
C ALA B 404 -9.85 -14.70 -21.84
N ASN B 405 -10.11 -15.54 -22.82
CA ASN B 405 -9.40 -15.48 -24.09
C ASN B 405 -9.77 -14.23 -24.88
N LYS B 406 -11.02 -13.80 -24.73
CA LYS B 406 -11.51 -12.60 -25.40
C LYS B 406 -10.71 -11.39 -24.93
N TRP B 407 -10.58 -11.28 -23.61
CA TRP B 407 -9.88 -10.14 -23.01
C TRP B 407 -8.38 -10.16 -23.32
N LEU B 408 -7.78 -11.34 -23.30
CA LEU B 408 -6.36 -11.46 -23.62
C LEU B 408 -6.09 -11.09 -25.08
N ASP B 409 -6.99 -11.51 -25.99
CA ASP B 409 -6.86 -11.11 -27.39
C ASP B 409 -6.87 -9.59 -27.50
N ASN B 410 -7.68 -8.95 -26.67
CA ASN B 410 -7.90 -7.51 -26.72
C ASN B 410 -7.12 -6.77 -25.65
N ILE B 411 -5.94 -7.26 -25.30
CA ILE B 411 -5.20 -6.68 -24.19
C ILE B 411 -4.74 -5.25 -24.50
N MET B 412 -4.53 -4.95 -25.78
CA MET B 412 -4.15 -3.59 -26.17
C MET B 412 -5.33 -2.64 -26.00
N GLU B 413 -6.54 -3.19 -26.12
CA GLU B 413 -7.75 -2.41 -25.87
C GLU B 413 -7.79 -2.00 -24.40
N VAL B 414 -7.33 -2.90 -23.53
CA VAL B 414 -7.28 -2.62 -22.10
C VAL B 414 -6.36 -1.44 -21.82
N GLN B 415 -5.20 -1.45 -22.49
CA GLN B 415 -4.24 -0.37 -22.35
C GLN B 415 -4.87 0.96 -22.74
N LYS B 416 -5.60 0.96 -23.85
CA LYS B 416 -6.32 2.14 -24.32
C LYS B 416 -7.35 2.62 -23.30
N MET B 417 -8.08 1.68 -22.70
CA MET B 417 -9.06 2.00 -21.66
C MET B 417 -8.41 2.71 -20.47
N ILE B 418 -7.21 2.30 -20.11
CA ILE B 418 -6.51 2.92 -19.00
C ILE B 418 -6.16 4.36 -19.35
N VAL B 419 -5.58 4.54 -20.54
CA VAL B 419 -5.16 5.86 -20.99
C VAL B 419 -6.34 6.83 -21.09
N GLU B 420 -7.50 6.31 -21.46
CA GLU B 420 -8.69 7.14 -21.62
C GLU B 420 -9.51 7.25 -20.33
N GLY B 421 -8.97 6.72 -19.24
CA GLY B 421 -9.62 6.83 -17.95
C GLY B 421 -10.94 6.09 -17.84
N LYS B 422 -11.07 5.01 -18.62
CA LYS B 422 -12.31 4.24 -18.66
C LYS B 422 -12.35 3.12 -17.61
N VAL B 423 -11.23 2.92 -16.92
CA VAL B 423 -11.16 2.00 -15.79
C VAL B 423 -10.48 2.67 -14.60
N THR B 424 -10.72 2.12 -13.41
CA THR B 424 -10.18 2.68 -12.17
C THR B 424 -8.85 2.03 -11.78
N THR B 425 -7.97 2.82 -11.14
CA THR B 425 -6.72 2.30 -10.57
C THR B 425 -6.75 2.44 -9.05
N PHE B 426 -7.84 2.98 -8.53
CA PHE B 426 -8.04 3.17 -7.10
C PHE B 426 -9.48 3.61 -6.89
#